data_1RRV
#
_entry.id   1RRV
#
_cell.length_a   50.670
_cell.length_b   64.120
_cell.length_c   144.080
_cell.angle_alpha   90.00
_cell.angle_beta   91.73
_cell.angle_gamma   90.00
#
_symmetry.space_group_name_H-M   'P 1 21 1'
#
loop_
_entity.id
_entity.type
_entity.pdbx_description
1 polymer 'GLYCOSYLTRANSFERASE GTFD'
2 polymer 'DESVANCOSAMINYL VANCOMYCIN'
3 non-polymer 'POTASSIUM ION'
4 non-polymer "THYMIDINE-5'-DIPHOSPHATE"
5 non-polymer GLYCEROL
6 non-polymer beta-D-glucopyranose
7 water water
#
loop_
_entity_poly.entity_id
_entity_poly.type
_entity_poly.pdbx_seq_one_letter_code
_entity_poly.pdbx_strand_id
1 'polypeptide(L)'
;MRVLLSVCGTRGDVEIGVALADRLKALGVQTRMCAPPAAEERLAEVGVPHVPVGLPQHMMLQEGMPPPPPEEEQRLAAMT
VEMQFDAVPGAAEGCAAVVAVGDLAAATGVRSVAEKLGLPFFYSVPSPVYLASPHLPPAYDEPTTPGVTDIRVLWEERAA
RFADRYGPTLNRRRAEIGLPPVEDVFGYGHGERPLLAADPVLAPLQPDVDAVQTGAWLLSDERPLPPELEAFLAAGSPPV
HIGFGSSSGRGIADAAKVAVEAIRAQGRRVILSRGWTELVLPDDRDDCFAIDEVNFQALFRRVAAVIHHGSAGTEHVATR
AGVPQLVIPRNTDQPYFAGRVAALGIGVAHDGPTPTFESLSAALTTVLAPETRARAEAVAGMVLTDGAAAAADLVLAAVG
REKPAVPALEHHHHHH
;
A,B
2 'polypeptide(L)' (MLU)(OMZ)N(GHP)(GHP)(OMY)(3FG) C,D
#
# COMPACT_ATOMS: atom_id res chain seq x y z
N MET A 1 2.46 49.19 -1.83
CA MET A 1 1.77 48.05 -2.50
C MET A 1 1.02 47.25 -1.44
N ARG A 2 -0.15 46.76 -1.81
CA ARG A 2 -0.96 45.96 -0.89
C ARG A 2 -1.53 44.75 -1.61
N VAL A 3 -1.57 43.63 -0.90
CA VAL A 3 -2.09 42.38 -1.45
C VAL A 3 -3.31 41.97 -0.65
N LEU A 4 -4.35 41.56 -1.35
CA LEU A 4 -5.56 41.11 -0.67
C LEU A 4 -5.54 39.60 -0.52
N LEU A 5 -5.74 39.12 0.70
CA LEU A 5 -5.79 37.68 0.97
C LEU A 5 -7.25 37.37 1.26
N SER A 6 -7.77 36.31 0.65
CA SER A 6 -9.16 35.93 0.86
C SER A 6 -9.17 34.48 1.32
N VAL A 7 -9.73 34.25 2.50
CA VAL A 7 -9.78 32.92 3.09
C VAL A 7 -11.21 32.51 3.42
N CYS A 8 -11.62 31.35 2.89
CA CYS A 8 -12.94 30.80 3.19
C CYS A 8 -12.59 29.41 3.69
N GLY A 9 -12.47 29.28 5.01
CA GLY A 9 -12.09 28.01 5.56
C GLY A 9 -11.93 28.06 7.07
N THR A 10 -11.24 27.07 7.62
CA THR A 10 -11.06 26.98 9.05
C THR A 10 -9.72 27.57 9.52
N ARG A 11 -9.41 27.32 10.79
CA ARG A 11 -8.16 27.79 11.40
C ARG A 11 -6.97 27.55 10.48
N GLY A 12 -6.89 26.34 9.92
CA GLY A 12 -5.80 25.98 9.03
C GLY A 12 -5.59 26.88 7.82
N ASP A 13 -6.68 27.30 7.18
CA ASP A 13 -6.59 28.17 6.01
C ASP A 13 -6.21 29.58 6.44
N VAL A 14 -6.76 30.02 7.58
CA VAL A 14 -6.44 31.34 8.10
C VAL A 14 -4.95 31.42 8.39
N GLU A 15 -4.39 30.38 8.99
CA GLU A 15 -2.97 30.37 9.31
C GLU A 15 -2.11 30.38 8.05
N ILE A 16 -2.60 29.74 6.99
CA ILE A 16 -1.87 29.73 5.73
C ILE A 16 -1.81 31.16 5.20
N GLY A 17 -2.90 31.90 5.37
CA GLY A 17 -2.96 33.28 4.92
C GLY A 17 -2.10 34.19 5.78
N VAL A 18 -2.12 33.94 7.08
CA VAL A 18 -1.35 34.71 8.03
C VAL A 18 0.15 34.58 7.75
N ALA A 19 0.56 33.39 7.35
CA ALA A 19 1.95 33.12 7.05
C ALA A 19 2.43 33.91 5.83
N LEU A 20 1.56 34.05 4.83
CA LEU A 20 1.92 34.80 3.63
C LEU A 20 1.96 36.29 3.96
N ALA A 21 0.97 36.74 4.74
CA ALA A 21 0.89 38.13 5.14
C ALA A 21 2.17 38.56 5.87
N ASP A 22 2.72 37.62 6.64
CA ASP A 22 3.93 37.85 7.40
C ASP A 22 5.14 37.99 6.48
N ARG A 23 5.20 37.18 5.43
CA ARG A 23 6.32 37.26 4.50
C ARG A 23 6.19 38.52 3.64
N LEU A 24 4.96 38.90 3.31
CA LEU A 24 4.76 40.10 2.50
C LEU A 24 5.20 41.32 3.32
N LYS A 25 4.84 41.32 4.60
CA LYS A 25 5.19 42.42 5.49
C LYS A 25 6.71 42.61 5.49
N ALA A 26 7.45 41.52 5.70
CA ALA A 26 8.90 41.55 5.71
C ALA A 26 9.43 42.17 4.42
N LEU A 27 8.70 42.03 3.33
CA LEU A 27 9.13 42.58 2.05
C LEU A 27 8.65 44.03 1.87
N GLY A 28 7.95 44.53 2.88
CA GLY A 28 7.44 45.90 2.81
C GLY A 28 6.10 46.02 2.11
N VAL A 29 5.43 44.88 1.89
CA VAL A 29 4.13 44.88 1.23
C VAL A 29 3.00 44.76 2.25
N GLN A 30 2.01 45.63 2.14
CA GLN A 30 0.88 45.59 3.06
C GLN A 30 -0.07 44.45 2.68
N THR A 31 -0.96 44.10 3.60
CA THR A 31 -1.93 43.04 3.34
C THR A 31 -3.25 43.32 4.03
N ARG A 32 -4.31 42.73 3.48
CA ARG A 32 -5.65 42.85 4.03
C ARG A 32 -6.25 41.46 3.84
N MET A 33 -7.01 40.99 4.81
CA MET A 33 -7.58 39.67 4.69
C MET A 33 -9.08 39.54 4.89
N CYS A 34 -9.74 39.00 3.87
CA CYS A 34 -11.17 38.72 3.94
C CYS A 34 -11.17 37.33 4.56
N ALA A 35 -11.84 37.16 5.69
CA ALA A 35 -11.87 35.85 6.34
C ALA A 35 -13.11 35.73 7.23
N PRO A 36 -13.46 34.49 7.62
CA PRO A 36 -14.63 34.27 8.47
C PRO A 36 -14.51 35.10 9.75
N PRO A 37 -15.64 35.44 10.37
CA PRO A 37 -15.57 36.22 11.60
C PRO A 37 -14.64 35.59 12.65
N ALA A 38 -14.56 34.26 12.68
CA ALA A 38 -13.73 33.56 13.66
C ALA A 38 -12.23 33.86 13.57
N ALA A 39 -11.80 34.47 12.47
CA ALA A 39 -10.39 34.80 12.27
C ALA A 39 -9.98 36.05 13.02
N GLU A 40 -10.96 36.78 13.53
CA GLU A 40 -10.72 38.04 14.23
C GLU A 40 -9.59 38.02 15.26
N GLU A 41 -9.66 37.12 16.23
CA GLU A 41 -8.63 37.05 17.27
C GLU A 41 -7.23 36.81 16.69
N ARG A 42 -7.12 35.83 15.79
CA ARG A 42 -5.82 35.52 15.21
C ARG A 42 -5.27 36.67 14.36
N LEU A 43 -6.14 37.30 13.58
CA LEU A 43 -5.71 38.41 12.74
C LEU A 43 -5.34 39.63 13.57
N ALA A 44 -6.06 39.84 14.68
CA ALA A 44 -5.77 40.97 15.55
C ALA A 44 -4.37 40.74 16.13
N GLU A 45 -4.11 39.49 16.50
CA GLU A 45 -2.83 39.08 17.06
C GLU A 45 -1.66 39.44 16.16
N VAL A 46 -1.79 39.19 14.86
CA VAL A 46 -0.72 39.49 13.92
C VAL A 46 -0.86 40.82 13.20
N GLY A 47 -1.84 41.62 13.61
CA GLY A 47 -2.05 42.92 13.01
C GLY A 47 -2.43 43.00 11.54
N VAL A 48 -3.20 42.03 11.05
CA VAL A 48 -3.62 42.04 9.65
C VAL A 48 -5.06 42.54 9.59
N PRO A 49 -5.32 43.65 8.87
CA PRO A 49 -6.70 44.16 8.79
C PRO A 49 -7.66 43.06 8.32
N HIS A 50 -8.76 42.92 9.04
CA HIS A 50 -9.75 41.89 8.78
C HIS A 50 -11.07 42.39 8.19
N VAL A 51 -11.47 41.80 7.08
CA VAL A 51 -12.74 42.13 6.46
C VAL A 51 -13.59 40.87 6.65
N PRO A 52 -14.49 40.89 7.65
CA PRO A 52 -15.33 39.71 7.91
C PRO A 52 -16.22 39.27 6.76
N VAL A 53 -16.05 38.02 6.36
CA VAL A 53 -16.86 37.43 5.30
C VAL A 53 -17.20 36.00 5.70
N GLY A 54 -18.47 35.64 5.61
CA GLY A 54 -18.87 34.29 5.97
C GLY A 54 -19.62 34.21 7.30
N LEU A 55 -20.14 33.03 7.60
CA LEU A 55 -20.89 32.82 8.83
C LEU A 55 -20.00 32.76 10.07
N PRO A 56 -20.55 33.14 11.23
CA PRO A 56 -19.79 33.11 12.49
C PRO A 56 -19.59 31.66 12.94
N GLN A 57 -18.59 31.42 13.78
CA GLN A 57 -18.30 30.06 14.24
C GLN A 57 -19.48 29.31 14.85
N HIS A 58 -20.34 29.99 15.58
CA HIS A 58 -21.46 29.30 16.22
C HIS A 58 -22.53 28.79 15.25
N MET A 59 -22.38 29.11 13.97
CA MET A 59 -23.33 28.64 12.96
C MET A 59 -22.72 27.52 12.13
N MET A 60 -21.55 27.05 12.55
CA MET A 60 -20.85 25.98 11.87
C MET A 60 -21.44 24.62 12.24
N LEU A 61 -21.57 23.75 11.25
CA LEU A 61 -22.06 22.41 11.47
C LEU A 61 -20.99 21.58 12.15
N GLN A 62 -21.40 20.44 12.67
CA GLN A 62 -20.46 19.53 13.31
C GLN A 62 -20.62 18.15 12.73
N GLU A 63 -19.52 17.42 12.69
CA GLU A 63 -19.53 16.06 12.20
C GLU A 63 -20.62 15.33 12.98
N GLY A 64 -21.47 14.59 12.29
CA GLY A 64 -22.53 13.86 12.97
C GLY A 64 -23.89 14.49 12.79
N MET A 65 -23.92 15.81 12.58
CA MET A 65 -25.20 16.47 12.40
C MET A 65 -25.80 16.09 11.05
N PRO A 66 -27.13 16.06 10.95
CA PRO A 66 -27.76 15.71 9.69
C PRO A 66 -27.54 16.79 8.64
N PRO A 67 -27.36 16.38 7.37
CA PRO A 67 -27.15 17.36 6.30
C PRO A 67 -28.37 18.25 6.16
N PRO A 68 -28.18 19.50 5.72
CA PRO A 68 -29.35 20.37 5.58
C PRO A 68 -30.16 20.01 4.34
N PRO A 69 -31.46 20.36 4.31
CA PRO A 69 -32.28 20.04 3.14
C PRO A 69 -31.70 20.67 1.88
N PRO A 70 -31.89 20.01 0.72
CA PRO A 70 -31.39 20.52 -0.56
C PRO A 70 -31.56 22.01 -0.81
N GLU A 71 -32.72 22.56 -0.43
CA GLU A 71 -32.97 23.97 -0.63
C GLU A 71 -32.00 24.82 0.18
N GLU A 72 -31.70 24.36 1.39
CA GLU A 72 -30.78 25.08 2.28
C GLU A 72 -29.35 24.91 1.78
N GLU A 73 -29.01 23.73 1.27
CA GLU A 73 -27.67 23.52 0.75
C GLU A 73 -27.46 24.47 -0.42
N GLN A 74 -28.46 24.57 -1.29
CA GLN A 74 -28.37 25.45 -2.46
C GLN A 74 -28.24 26.91 -2.04
N ARG A 75 -28.95 27.30 -0.99
CA ARG A 75 -28.88 28.66 -0.50
C ARG A 75 -27.46 28.99 -0.02
N LEU A 76 -26.85 28.05 0.70
CA LEU A 76 -25.50 28.23 1.20
C LEU A 76 -24.50 28.28 0.03
N ALA A 77 -24.72 27.42 -0.95
CA ALA A 77 -23.86 27.37 -2.12
C ALA A 77 -23.86 28.73 -2.82
N ALA A 78 -25.04 29.33 -2.98
CA ALA A 78 -25.15 30.62 -3.63
C ALA A 78 -24.53 31.70 -2.76
N MET A 79 -24.77 31.62 -1.46
CA MET A 79 -24.21 32.59 -0.52
C MET A 79 -22.69 32.62 -0.63
N THR A 80 -22.09 31.43 -0.64
CA THR A 80 -20.64 31.29 -0.74
C THR A 80 -20.06 32.06 -1.93
N VAL A 81 -20.74 32.02 -3.05
CA VAL A 81 -20.29 32.73 -4.25
C VAL A 81 -20.67 34.19 -4.17
N GLU A 82 -21.92 34.46 -3.81
CA GLU A 82 -22.40 35.83 -3.76
C GLU A 82 -21.72 36.75 -2.73
N MET A 83 -21.29 36.21 -1.60
CA MET A 83 -20.63 37.06 -0.61
C MET A 83 -19.28 37.59 -1.13
N GLN A 84 -18.66 36.88 -2.07
CA GLN A 84 -17.41 37.35 -2.65
C GLN A 84 -17.64 38.61 -3.51
N PHE A 85 -18.62 38.54 -4.40
CA PHE A 85 -18.94 39.69 -5.26
C PHE A 85 -19.38 40.91 -4.45
N ASP A 86 -19.98 40.66 -3.28
CA ASP A 86 -20.43 41.75 -2.43
C ASP A 86 -19.30 42.35 -1.59
N ALA A 87 -18.37 41.51 -1.13
CA ALA A 87 -17.30 41.98 -0.27
C ALA A 87 -15.92 42.21 -0.87
N VAL A 88 -15.54 41.40 -1.85
CA VAL A 88 -14.21 41.56 -2.43
C VAL A 88 -13.91 42.89 -3.13
N PRO A 89 -14.89 43.46 -3.85
CA PRO A 89 -14.59 44.75 -4.50
C PRO A 89 -14.07 45.80 -3.51
N GLY A 90 -14.79 45.98 -2.41
CA GLY A 90 -14.39 46.93 -1.40
C GLY A 90 -13.05 46.58 -0.77
N ALA A 91 -12.88 45.31 -0.41
CA ALA A 91 -11.65 44.86 0.22
C ALA A 91 -10.44 44.94 -0.70
N ALA A 92 -10.68 44.91 -2.00
CA ALA A 92 -9.59 44.95 -2.97
C ALA A 92 -9.07 46.36 -3.26
N GLU A 93 -9.73 47.36 -2.72
CA GLU A 93 -9.32 48.76 -2.95
C GLU A 93 -7.87 49.00 -2.59
N GLY A 94 -7.10 49.50 -3.56
CA GLY A 94 -5.70 49.79 -3.33
C GLY A 94 -4.79 48.57 -3.35
N CYS A 95 -5.29 47.44 -3.84
CA CYS A 95 -4.51 46.21 -3.89
C CYS A 95 -3.97 45.92 -5.28
N ALA A 96 -2.79 45.30 -5.33
CA ALA A 96 -2.16 44.98 -6.60
C ALA A 96 -2.32 43.52 -7.01
N ALA A 97 -2.72 42.67 -6.07
CA ALA A 97 -2.92 41.25 -6.35
C ALA A 97 -3.89 40.66 -5.33
N VAL A 98 -4.39 39.46 -5.62
CA VAL A 98 -5.33 38.78 -4.74
C VAL A 98 -4.95 37.29 -4.63
N VAL A 99 -4.85 36.80 -3.40
CA VAL A 99 -4.50 35.41 -3.14
C VAL A 99 -5.63 34.76 -2.36
N ALA A 100 -6.22 33.72 -2.92
CA ALA A 100 -7.31 33.02 -2.27
C ALA A 100 -6.87 31.68 -1.70
N VAL A 101 -7.47 31.32 -0.57
CA VAL A 101 -7.18 30.06 0.11
C VAL A 101 -8.51 29.52 0.64
N GLY A 102 -8.65 28.20 0.66
CA GLY A 102 -9.89 27.65 1.17
C GLY A 102 -10.87 27.23 0.10
N ASP A 103 -12.15 27.37 0.42
CA ASP A 103 -13.22 26.92 -0.49
C ASP A 103 -13.06 27.34 -1.96
N LEU A 104 -13.03 26.35 -2.84
CA LEU A 104 -12.89 26.59 -4.28
C LEU A 104 -14.00 27.48 -4.84
N ALA A 105 -15.25 27.21 -4.43
CA ALA A 105 -16.39 28.00 -4.90
C ALA A 105 -16.19 29.47 -4.54
N ALA A 106 -15.73 29.73 -3.33
CA ALA A 106 -15.50 31.10 -2.91
C ALA A 106 -14.41 31.66 -3.83
N ALA A 107 -13.42 30.85 -4.13
CA ALA A 107 -12.33 31.25 -5.00
C ALA A 107 -12.81 31.70 -6.38
N THR A 108 -13.86 31.08 -6.93
CA THR A 108 -14.35 31.48 -8.25
C THR A 108 -14.90 32.87 -8.18
N GLY A 109 -15.54 33.20 -7.05
CA GLY A 109 -16.07 34.53 -6.89
C GLY A 109 -14.92 35.52 -6.72
N VAL A 110 -13.93 35.15 -5.90
CA VAL A 110 -12.79 36.03 -5.70
C VAL A 110 -12.05 36.30 -7.02
N ARG A 111 -11.75 35.25 -7.77
CA ARG A 111 -11.05 35.43 -9.04
C ARG A 111 -11.84 36.33 -10.01
N SER A 112 -13.16 36.23 -9.99
CA SER A 112 -14.02 37.03 -10.86
C SER A 112 -13.86 38.54 -10.54
N VAL A 113 -13.84 38.89 -9.27
CA VAL A 113 -13.69 40.28 -8.92
C VAL A 113 -12.28 40.74 -9.31
N ALA A 114 -11.28 39.89 -9.07
CA ALA A 114 -9.91 40.20 -9.46
C ALA A 114 -9.83 40.41 -10.97
N GLU A 115 -10.55 39.57 -11.71
CA GLU A 115 -10.55 39.68 -13.16
C GLU A 115 -11.19 41.01 -13.58
N LYS A 116 -12.27 41.39 -12.89
CA LYS A 116 -12.96 42.63 -13.19
C LYS A 116 -12.04 43.81 -12.95
N LEU A 117 -11.31 43.77 -11.85
CA LEU A 117 -10.39 44.85 -11.49
C LEU A 117 -9.03 44.72 -12.17
N GLY A 118 -8.86 43.67 -12.96
CA GLY A 118 -7.60 43.46 -13.66
C GLY A 118 -6.43 43.19 -12.74
N LEU A 119 -6.66 42.45 -11.67
CA LEU A 119 -5.60 42.13 -10.71
C LEU A 119 -5.17 40.68 -10.81
N PRO A 120 -3.86 40.40 -10.71
CA PRO A 120 -3.41 39.01 -10.78
C PRO A 120 -4.05 38.23 -9.64
N PHE A 121 -4.40 36.98 -9.92
CA PHE A 121 -5.06 36.13 -8.92
C PHE A 121 -4.31 34.83 -8.70
N PHE A 122 -4.18 34.42 -7.45
CA PHE A 122 -3.51 33.16 -7.11
C PHE A 122 -4.37 32.36 -6.12
N TYR A 123 -4.38 31.04 -6.28
CA TYR A 123 -5.11 30.16 -5.39
C TYR A 123 -4.18 29.05 -4.92
N SER A 124 -4.23 28.73 -3.64
CA SER A 124 -3.38 27.66 -3.10
C SER A 124 -4.22 26.59 -2.42
N VAL A 125 -3.69 25.37 -2.40
CA VAL A 125 -4.35 24.23 -1.75
C VAL A 125 -3.33 23.71 -0.75
N PRO A 126 -3.79 23.11 0.36
CA PRO A 126 -2.89 22.58 1.38
C PRO A 126 -2.32 21.20 1.17
N SER A 127 -2.75 20.51 0.12
CA SER A 127 -2.28 19.16 -0.12
C SER A 127 -2.60 18.70 -1.53
N PRO A 128 -1.84 17.72 -2.04
CA PRO A 128 -2.05 17.21 -3.39
C PRO A 128 -3.41 16.57 -3.68
N VAL A 129 -4.16 16.18 -2.65
CA VAL A 129 -5.47 15.55 -2.89
C VAL A 129 -6.54 16.56 -3.31
N TYR A 130 -6.14 17.82 -3.41
CA TYR A 130 -7.05 18.87 -3.86
C TYR A 130 -6.71 19.26 -5.30
N LEU A 131 -5.81 18.50 -5.92
CA LEU A 131 -5.40 18.73 -7.30
C LEU A 131 -5.80 17.50 -8.12
N ALA A 132 -6.59 17.72 -9.16
CA ALA A 132 -7.04 16.62 -10.01
C ALA A 132 -5.91 15.93 -10.78
N SER A 133 -5.93 14.60 -10.73
CA SER A 133 -4.95 13.76 -11.40
C SER A 133 -5.41 12.32 -11.22
N PRO A 134 -4.83 11.38 -12.00
CA PRO A 134 -5.22 9.97 -11.88
C PRO A 134 -4.50 9.27 -10.72
N HIS A 135 -3.55 9.98 -10.12
CA HIS A 135 -2.74 9.42 -9.05
C HIS A 135 -3.30 9.39 -7.63
N LEU A 136 -4.13 10.37 -7.29
CA LEU A 136 -4.70 10.43 -5.94
C LEU A 136 -6.17 10.80 -5.99
N PRO A 137 -6.99 10.15 -5.16
CA PRO A 137 -8.42 10.45 -5.16
C PRO A 137 -8.64 11.81 -4.50
N PRO A 138 -9.75 12.48 -4.84
CA PRO A 138 -10.03 13.80 -4.24
C PRO A 138 -10.17 13.72 -2.72
N ALA A 139 -9.99 14.86 -2.08
CA ALA A 139 -10.14 14.96 -0.63
C ALA A 139 -11.54 14.47 -0.26
N TYR A 140 -11.65 13.77 0.87
CA TYR A 140 -12.92 13.25 1.36
C TYR A 140 -13.73 14.32 2.07
N ASP A 141 -14.33 15.22 1.30
CA ASP A 141 -15.10 16.30 1.87
C ASP A 141 -16.57 16.30 1.46
N GLU A 142 -16.96 15.34 0.62
CA GLU A 142 -18.34 15.27 0.17
C GLU A 142 -18.68 13.82 -0.16
N PRO A 143 -19.96 13.46 -0.08
CA PRO A 143 -20.26 12.07 -0.41
C PRO A 143 -19.99 11.82 -1.91
N THR A 144 -19.46 10.65 -2.24
CA THR A 144 -19.18 10.33 -3.63
C THR A 144 -20.03 9.15 -4.09
N THR A 145 -20.17 8.97 -5.39
CA THR A 145 -20.98 7.90 -5.94
C THR A 145 -20.68 6.58 -5.24
N PRO A 146 -21.70 5.98 -4.59
CA PRO A 146 -21.54 4.71 -3.88
C PRO A 146 -20.85 3.66 -4.75
N GLY A 147 -19.84 3.00 -4.18
CA GLY A 147 -19.15 1.97 -4.91
C GLY A 147 -18.02 2.40 -5.83
N VAL A 148 -17.88 3.71 -6.07
CA VAL A 148 -16.83 4.17 -6.97
C VAL A 148 -15.52 4.43 -6.26
N THR A 149 -14.44 3.86 -6.79
CA THR A 149 -13.10 4.03 -6.25
C THR A 149 -12.14 4.52 -7.34
N ASP A 150 -12.56 4.38 -8.60
CA ASP A 150 -11.72 4.82 -9.71
C ASP A 150 -11.39 6.32 -9.57
N ILE A 151 -10.09 6.61 -9.41
CA ILE A 151 -9.62 7.97 -9.23
C ILE A 151 -10.07 8.95 -10.32
N ARG A 152 -9.89 8.58 -11.58
CA ARG A 152 -10.31 9.45 -12.68
C ARG A 152 -11.79 9.80 -12.63
N VAL A 153 -12.65 8.81 -12.41
CA VAL A 153 -14.08 9.03 -12.33
C VAL A 153 -14.43 9.97 -11.18
N LEU A 154 -13.86 9.72 -10.01
CA LEU A 154 -14.14 10.57 -8.85
C LEU A 154 -13.89 12.04 -9.16
N TRP A 155 -12.78 12.33 -9.86
CA TRP A 155 -12.46 13.71 -10.21
C TRP A 155 -13.42 14.26 -11.24
N GLU A 156 -13.72 13.46 -12.27
CA GLU A 156 -14.64 13.91 -13.30
C GLU A 156 -16.01 14.21 -12.69
N GLU A 157 -16.45 13.34 -11.78
CA GLU A 157 -17.75 13.55 -11.13
C GLU A 157 -17.68 14.73 -10.16
N ARG A 158 -16.56 14.85 -9.43
CA ARG A 158 -16.41 15.96 -8.50
C ARG A 158 -16.55 17.27 -9.27
N ALA A 159 -15.86 17.36 -10.42
CA ALA A 159 -15.90 18.58 -11.22
C ALA A 159 -17.26 18.89 -11.82
N ALA A 160 -17.95 17.86 -12.32
CA ALA A 160 -19.27 18.05 -12.91
C ALA A 160 -20.27 18.55 -11.86
N ARG A 161 -20.20 17.93 -10.69
CA ARG A 161 -21.07 18.27 -9.56
C ARG A 161 -20.83 19.75 -9.17
N PHE A 162 -19.55 20.12 -9.09
CA PHE A 162 -19.17 21.48 -8.72
C PHE A 162 -19.73 22.49 -9.73
N ALA A 163 -19.47 22.26 -11.01
CA ALA A 163 -19.95 23.16 -12.06
C ALA A 163 -21.47 23.36 -12.01
N ASP A 164 -22.20 22.26 -11.82
CA ASP A 164 -23.66 22.35 -11.76
C ASP A 164 -24.16 23.09 -10.53
N ARG A 165 -23.53 22.87 -9.39
CA ARG A 165 -23.97 23.54 -8.17
C ARG A 165 -23.66 25.03 -8.13
N TYR A 166 -22.45 25.41 -8.56
CA TYR A 166 -22.06 26.82 -8.49
C TYR A 166 -22.07 27.64 -9.78
N GLY A 167 -21.97 26.95 -10.92
CA GLY A 167 -21.95 27.64 -12.20
C GLY A 167 -23.00 28.71 -12.42
N PRO A 168 -24.29 28.36 -12.27
CA PRO A 168 -25.37 29.35 -12.48
C PRO A 168 -25.20 30.65 -11.68
N THR A 169 -24.94 30.53 -10.38
CA THR A 169 -24.78 31.71 -9.53
C THR A 169 -23.55 32.49 -9.97
N LEU A 170 -22.42 31.80 -10.08
CA LEU A 170 -21.18 32.44 -10.51
C LEU A 170 -21.41 33.25 -11.77
N ASN A 171 -21.88 32.59 -12.81
CA ASN A 171 -22.08 33.26 -14.07
C ASN A 171 -23.12 34.35 -14.07
N ARG A 172 -24.10 34.26 -13.18
CA ARG A 172 -25.11 35.31 -13.11
C ARG A 172 -24.46 36.56 -12.51
N ARG A 173 -23.75 36.37 -11.39
CA ARG A 173 -23.10 37.49 -10.73
C ARG A 173 -22.03 38.07 -11.64
N ARG A 174 -21.34 37.22 -12.41
CA ARG A 174 -20.33 37.69 -13.34
C ARG A 174 -20.98 38.60 -14.39
N ALA A 175 -22.12 38.18 -14.92
CA ALA A 175 -22.83 38.95 -15.94
C ALA A 175 -23.29 40.31 -15.41
N GLU A 176 -23.71 40.35 -14.15
CA GLU A 176 -24.17 41.61 -13.56
C GLU A 176 -23.06 42.65 -13.51
N ILE A 177 -21.82 42.22 -13.50
CA ILE A 177 -20.72 43.19 -13.53
C ILE A 177 -19.99 43.17 -14.86
N GLY A 178 -20.71 42.70 -15.89
CA GLY A 178 -20.15 42.68 -17.24
C GLY A 178 -19.15 41.64 -17.67
N LEU A 179 -18.94 40.59 -16.87
CA LEU A 179 -17.96 39.57 -17.23
C LEU A 179 -18.62 38.42 -18.00
N PRO A 180 -17.92 37.90 -19.01
CA PRO A 180 -18.47 36.79 -19.81
C PRO A 180 -18.49 35.56 -18.89
N PRO A 181 -19.38 34.60 -19.19
CA PRO A 181 -19.44 33.40 -18.36
C PRO A 181 -18.23 32.48 -18.43
N VAL A 182 -18.02 31.75 -17.35
CA VAL A 182 -16.94 30.79 -17.24
C VAL A 182 -17.51 29.45 -17.65
N GLU A 183 -16.82 28.75 -18.56
CA GLU A 183 -17.29 27.43 -19.00
C GLU A 183 -16.72 26.31 -18.15
N ASP A 184 -15.45 26.42 -17.79
CA ASP A 184 -14.83 25.40 -16.94
C ASP A 184 -14.89 25.93 -15.50
N VAL A 185 -16.06 25.79 -14.90
CA VAL A 185 -16.29 26.29 -13.55
C VAL A 185 -15.34 25.69 -12.52
N PHE A 186 -15.14 24.38 -12.57
CA PHE A 186 -14.25 23.73 -11.61
C PHE A 186 -12.80 24.18 -11.74
N GLY A 187 -12.34 24.38 -12.98
CA GLY A 187 -10.96 24.79 -13.15
C GLY A 187 -10.70 26.25 -12.82
N TYR A 188 -11.69 27.10 -13.09
CA TYR A 188 -11.57 28.55 -12.87
C TYR A 188 -11.10 29.01 -11.50
N GLY A 189 -11.61 28.40 -10.43
CA GLY A 189 -11.22 28.81 -9.11
C GLY A 189 -9.76 28.56 -8.76
N HIS A 190 -9.10 27.65 -9.49
CA HIS A 190 -7.70 27.35 -9.21
C HIS A 190 -6.74 28.42 -9.77
N GLY A 191 -7.26 29.34 -10.57
CA GLY A 191 -6.41 30.37 -11.16
C GLY A 191 -5.67 29.78 -12.34
N GLU A 192 -4.74 30.54 -12.93
CA GLU A 192 -3.98 30.02 -14.08
C GLU A 192 -3.15 28.81 -13.69
N ARG A 193 -2.52 28.87 -12.52
CA ARG A 193 -1.73 27.77 -12.04
C ARG A 193 -1.76 27.76 -10.52
N PRO A 194 -2.54 26.84 -9.93
CA PRO A 194 -2.66 26.74 -8.48
C PRO A 194 -1.34 26.47 -7.79
N LEU A 195 -1.19 26.97 -6.57
CA LEU A 195 0.02 26.76 -5.78
C LEU A 195 -0.26 25.70 -4.71
N LEU A 196 0.57 24.67 -4.66
CA LEU A 196 0.41 23.64 -3.63
C LEU A 196 1.25 24.07 -2.44
N ALA A 197 0.59 24.70 -1.48
CA ALA A 197 1.25 25.19 -0.28
C ALA A 197 1.51 24.08 0.74
N ALA A 198 2.33 23.10 0.33
CA ALA A 198 2.70 21.99 1.20
C ALA A 198 4.16 21.64 0.94
N ASP A 199 4.80 21.05 1.94
CA ASP A 199 6.20 20.67 1.83
C ASP A 199 6.39 19.57 0.79
N PRO A 200 7.43 19.71 -0.07
CA PRO A 200 7.72 18.73 -1.12
C PRO A 200 8.14 17.35 -0.63
N VAL A 201 8.65 17.25 0.60
CA VAL A 201 9.03 15.95 1.13
C VAL A 201 7.87 15.32 1.91
N LEU A 202 7.18 16.13 2.71
CA LEU A 202 6.05 15.64 3.49
C LEU A 202 4.85 15.32 2.58
N ALA A 203 4.56 16.22 1.64
CA ALA A 203 3.45 16.04 0.71
C ALA A 203 3.85 16.41 -0.72
N PRO A 204 4.64 15.54 -1.37
CA PRO A 204 5.08 15.77 -2.74
C PRO A 204 4.02 15.87 -3.84
N LEU A 205 4.14 16.91 -4.65
CA LEU A 205 3.24 17.11 -5.78
C LEU A 205 3.32 15.86 -6.63
N GLN A 206 2.15 15.39 -7.08
CA GLN A 206 2.09 14.21 -7.92
C GLN A 206 2.36 14.60 -9.37
N PRO A 207 2.74 13.63 -10.21
CA PRO A 207 3.01 13.98 -11.61
C PRO A 207 1.74 14.24 -12.39
N ASP A 208 1.88 14.77 -13.60
CA ASP A 208 0.75 15.07 -14.46
C ASP A 208 -0.12 16.18 -13.89
N VAL A 209 0.46 17.06 -13.07
CA VAL A 209 -0.30 18.15 -12.48
C VAL A 209 0.36 19.50 -12.73
N ASP A 210 -0.41 20.41 -13.33
CA ASP A 210 0.10 21.76 -13.61
C ASP A 210 -0.09 22.64 -12.37
N ALA A 211 0.85 22.58 -11.46
CA ALA A 211 0.79 23.38 -10.23
C ALA A 211 2.19 23.70 -9.77
N VAL A 212 2.31 24.72 -8.92
CA VAL A 212 3.61 25.09 -8.38
C VAL A 212 3.68 24.74 -6.90
N GLN A 213 4.57 23.82 -6.54
CA GLN A 213 4.74 23.48 -5.13
C GLN A 213 5.73 24.45 -4.51
N THR A 214 5.21 25.34 -3.67
CA THR A 214 6.03 26.35 -3.03
C THR A 214 6.65 25.85 -1.72
N GLY A 215 5.95 24.93 -1.06
CA GLY A 215 6.39 24.44 0.22
C GLY A 215 5.32 24.96 1.17
N ALA A 216 5.27 24.46 2.39
CA ALA A 216 4.26 24.91 3.34
C ALA A 216 4.36 26.41 3.61
N TRP A 217 3.23 27.05 3.92
CA TRP A 217 3.19 28.47 4.23
C TRP A 217 3.06 28.60 5.75
N LEU A 218 4.17 28.87 6.41
CA LEU A 218 4.21 29.02 7.86
C LEU A 218 5.07 30.21 8.28
N LEU A 219 4.77 30.78 9.43
CA LEU A 219 5.56 31.89 9.96
C LEU A 219 6.24 31.36 11.21
N SER A 220 7.28 32.06 11.67
CA SER A 220 7.97 31.63 12.88
C SER A 220 7.11 32.10 14.05
N ASP A 221 6.39 31.18 14.66
CA ASP A 221 5.52 31.52 15.79
C ASP A 221 6.39 31.85 17.00
N GLU A 222 6.45 33.11 17.37
CA GLU A 222 7.27 33.54 18.50
C GLU A 222 6.49 33.58 19.81
N ARG A 223 5.16 33.49 19.71
CA ARG A 223 4.32 33.52 20.91
C ARG A 223 4.85 32.60 22.00
N PRO A 224 4.89 33.09 23.24
CA PRO A 224 5.36 32.29 24.38
C PRO A 224 4.20 31.47 24.93
N LEU A 225 4.50 30.32 25.51
CA LEU A 225 3.46 29.47 26.07
C LEU A 225 2.94 30.17 27.31
N PRO A 226 1.65 29.95 27.66
CA PRO A 226 1.13 30.60 28.85
C PRO A 226 1.84 30.08 30.10
N PRO A 227 2.02 30.96 31.11
CA PRO A 227 2.70 30.58 32.35
C PRO A 227 2.24 29.27 32.97
N GLU A 228 0.93 29.09 33.10
CA GLU A 228 0.36 27.88 33.70
C GLU A 228 0.76 26.61 32.95
N LEU A 229 1.00 26.72 31.64
CA LEU A 229 1.37 25.55 30.85
C LEU A 229 2.86 25.30 30.95
N GLU A 230 3.61 26.38 31.09
CA GLU A 230 5.06 26.30 31.22
C GLU A 230 5.40 25.58 32.53
N ALA A 231 4.60 25.84 33.55
CA ALA A 231 4.81 25.23 34.86
C ALA A 231 4.50 23.75 34.82
N PHE A 232 3.38 23.38 34.19
CA PHE A 232 2.98 21.99 34.09
C PHE A 232 4.07 21.17 33.41
N LEU A 233 4.66 21.72 32.36
CA LEU A 233 5.70 21.03 31.61
C LEU A 233 6.94 20.83 32.47
N ALA A 234 7.22 21.81 33.32
CA ALA A 234 8.39 21.73 34.19
C ALA A 234 8.19 20.72 35.31
N ALA A 235 7.01 20.75 35.92
CA ALA A 235 6.69 19.85 37.03
C ALA A 235 6.35 18.42 36.61
N GLY A 236 7.20 17.81 35.79
CA GLY A 236 6.94 16.44 35.36
C GLY A 236 7.66 16.01 34.09
N SER A 237 7.40 14.78 33.66
CA SER A 237 8.02 14.24 32.46
C SER A 237 7.29 14.72 31.21
N PRO A 238 7.96 14.66 30.04
CA PRO A 238 7.37 15.11 28.76
C PRO A 238 6.05 14.41 28.49
N PRO A 239 4.94 15.15 28.52
CA PRO A 239 3.63 14.54 28.27
C PRO A 239 3.31 14.32 26.80
N VAL A 240 2.22 13.62 26.55
CA VAL A 240 1.74 13.33 25.21
C VAL A 240 0.64 14.36 24.96
N HIS A 241 0.67 15.04 23.82
CA HIS A 241 -0.33 16.04 23.52
C HIS A 241 -1.45 15.54 22.61
N ILE A 242 -2.68 15.88 22.99
CA ILE A 242 -3.86 15.49 22.21
C ILE A 242 -4.50 16.76 21.67
N GLY A 243 -4.83 16.75 20.39
CA GLY A 243 -5.46 17.92 19.78
C GLY A 243 -6.02 17.55 18.42
N PHE A 244 -7.25 17.97 18.13
CA PHE A 244 -7.87 17.66 16.85
C PHE A 244 -8.30 18.90 16.06
N GLY A 245 -7.69 20.03 16.41
CA GLY A 245 -7.96 21.28 15.74
C GLY A 245 -9.40 21.65 15.46
N SER A 246 -9.70 21.94 14.20
CA SER A 246 -11.04 22.38 13.81
C SER A 246 -12.06 21.24 13.71
N SER A 247 -11.66 20.04 14.15
CA SER A 247 -12.57 18.90 14.13
C SER A 247 -13.74 19.15 15.10
N SER A 248 -14.81 18.38 14.96
CA SER A 248 -15.99 18.55 15.82
C SER A 248 -16.73 17.23 16.01
N GLY A 249 -17.88 17.28 16.69
CA GLY A 249 -18.68 16.08 16.90
C GLY A 249 -18.29 15.29 18.14
N ARG A 250 -19.10 14.28 18.45
CA ARG A 250 -18.85 13.45 19.64
C ARG A 250 -17.70 12.46 19.42
N GLY A 251 -17.42 12.14 18.17
CA GLY A 251 -16.34 11.22 17.88
C GLY A 251 -15.01 11.64 18.47
N ILE A 252 -14.64 12.91 18.34
CA ILE A 252 -13.36 13.36 18.89
C ILE A 252 -13.37 13.42 20.41
N ALA A 253 -14.54 13.59 21.01
CA ALA A 253 -14.65 13.61 22.46
C ALA A 253 -14.34 12.19 22.92
N ASP A 254 -14.94 11.21 22.25
CA ASP A 254 -14.70 9.81 22.60
C ASP A 254 -13.23 9.46 22.38
N ALA A 255 -12.71 9.82 21.21
CA ALA A 255 -11.31 9.56 20.89
C ALA A 255 -10.40 10.11 21.97
N ALA A 256 -10.62 11.37 22.35
CA ALA A 256 -9.81 12.03 23.37
C ALA A 256 -9.86 11.29 24.71
N LYS A 257 -11.04 10.80 25.07
CA LYS A 257 -11.20 10.07 26.31
C LYS A 257 -10.33 8.82 26.24
N VAL A 258 -10.43 8.10 25.13
CA VAL A 258 -9.63 6.90 24.95
C VAL A 258 -8.13 7.23 24.92
N ALA A 259 -7.78 8.36 24.30
CA ALA A 259 -6.39 8.77 24.22
C ALA A 259 -5.78 9.00 25.60
N VAL A 260 -6.55 9.62 26.49
CA VAL A 260 -6.07 9.87 27.85
C VAL A 260 -5.83 8.53 28.55
N GLU A 261 -6.79 7.62 28.40
CA GLU A 261 -6.72 6.30 29.01
C GLU A 261 -5.46 5.56 28.56
N ALA A 262 -5.24 5.53 27.25
CA ALA A 262 -4.07 4.85 26.67
C ALA A 262 -2.77 5.50 27.11
N ILE A 263 -2.72 6.82 27.05
CA ILE A 263 -1.51 7.54 27.45
C ILE A 263 -1.15 7.21 28.89
N ARG A 264 -2.14 7.22 29.77
CA ARG A 264 -1.92 6.90 31.19
C ARG A 264 -1.45 5.47 31.34
N ALA A 265 -2.04 4.57 30.56
CA ALA A 265 -1.69 3.16 30.61
C ALA A 265 -0.21 2.95 30.30
N GLN A 266 0.44 3.99 29.76
CA GLN A 266 1.85 3.90 29.43
C GLN A 266 2.64 4.80 30.36
N GLY A 267 2.02 5.18 31.47
CA GLY A 267 2.69 6.03 32.45
C GLY A 267 3.19 7.36 31.91
N ARG A 268 2.32 8.10 31.25
CA ARG A 268 2.69 9.39 30.67
C ARG A 268 1.66 10.43 31.03
N ARG A 269 2.11 11.68 31.22
CA ARG A 269 1.20 12.77 31.53
C ARG A 269 0.45 13.18 30.26
N VAL A 270 -0.60 13.96 30.41
CA VAL A 270 -1.40 14.39 29.28
C VAL A 270 -1.70 15.87 29.19
N ILE A 271 -1.69 16.38 27.96
CA ILE A 271 -2.04 17.76 27.68
C ILE A 271 -3.13 17.64 26.63
N LEU A 272 -4.29 18.24 26.90
CA LEU A 272 -5.41 18.18 25.97
C LEU A 272 -5.83 19.55 25.48
N SER A 273 -5.83 19.75 24.17
CA SER A 273 -6.28 21.01 23.59
C SER A 273 -7.80 20.90 23.52
N ARG A 274 -8.51 21.86 24.12
CA ARG A 274 -9.97 21.82 24.14
C ARG A 274 -10.65 21.97 22.78
N GLY A 275 -10.06 22.72 21.87
CA GLY A 275 -10.69 22.90 20.57
C GLY A 275 -11.92 23.78 20.70
N TRP A 276 -12.58 24.09 19.59
CA TRP A 276 -13.74 24.95 19.65
C TRP A 276 -15.01 24.26 20.15
N THR A 277 -14.99 22.93 20.24
CA THR A 277 -16.16 22.21 20.74
C THR A 277 -15.94 21.83 22.21
N GLU A 278 -14.91 22.45 22.79
CA GLU A 278 -14.55 22.26 24.19
C GLU A 278 -14.46 20.82 24.71
N LEU A 279 -13.44 20.10 24.28
CA LEU A 279 -13.23 18.72 24.73
C LEU A 279 -12.83 18.80 26.21
N VAL A 280 -13.22 17.79 26.98
CA VAL A 280 -12.89 17.78 28.41
C VAL A 280 -12.14 16.53 28.87
N LEU A 281 -11.28 16.69 29.86
CA LEU A 281 -10.51 15.57 30.41
C LEU A 281 -11.43 14.65 31.20
N PRO A 282 -10.99 13.42 31.48
CA PRO A 282 -11.80 12.45 32.24
C PRO A 282 -11.99 12.86 33.71
N ASP A 283 -10.99 13.52 34.27
CA ASP A 283 -11.04 13.94 35.67
C ASP A 283 -10.11 15.12 35.93
N ASP A 284 -9.80 15.36 37.20
CA ASP A 284 -8.93 16.49 37.57
C ASP A 284 -7.56 16.11 38.12
N ARG A 285 -7.17 14.84 37.97
CA ARG A 285 -5.86 14.42 38.47
C ARG A 285 -4.78 15.32 37.88
N ASP A 286 -3.72 15.57 38.65
CA ASP A 286 -2.64 16.45 38.21
C ASP A 286 -1.70 15.86 37.16
N ASP A 287 -2.07 14.71 36.58
CA ASP A 287 -1.23 14.09 35.56
C ASP A 287 -1.68 14.56 34.17
N CYS A 288 -2.72 15.38 34.14
CA CYS A 288 -3.26 15.90 32.90
C CYS A 288 -3.38 17.42 32.97
N PHE A 289 -3.53 18.05 31.81
CA PHE A 289 -3.66 19.50 31.73
C PHE A 289 -4.41 19.86 30.45
N ALA A 290 -5.42 20.72 30.57
CA ALA A 290 -6.20 21.14 29.41
C ALA A 290 -5.80 22.55 29.02
N ILE A 291 -5.73 22.81 27.71
CA ILE A 291 -5.35 24.12 27.23
C ILE A 291 -6.20 24.59 26.06
N ASP A 292 -6.17 25.89 25.82
CA ASP A 292 -6.89 26.49 24.71
C ASP A 292 -5.81 26.82 23.69
N GLU A 293 -6.03 27.83 22.85
CA GLU A 293 -5.04 28.22 21.85
C GLU A 293 -3.65 28.41 22.45
N VAL A 294 -2.66 27.76 21.85
CA VAL A 294 -1.27 27.85 22.33
C VAL A 294 -0.31 27.73 21.14
N ASN A 295 0.92 28.21 21.32
CA ASN A 295 1.92 28.13 20.25
C ASN A 295 2.35 26.66 20.10
N PHE A 296 1.88 26.01 19.03
CA PHE A 296 2.23 24.61 18.81
C PHE A 296 3.67 24.42 18.35
N GLN A 297 4.20 25.39 17.60
CA GLN A 297 5.57 25.31 17.13
C GLN A 297 6.51 25.24 18.35
N ALA A 298 6.11 25.91 19.43
CA ALA A 298 6.89 25.92 20.66
C ALA A 298 6.57 24.69 21.51
N LEU A 299 5.27 24.46 21.74
CA LEU A 299 4.82 23.33 22.55
C LEU A 299 5.24 21.96 22.03
N PHE A 300 5.11 21.76 20.72
CA PHE A 300 5.45 20.48 20.08
C PHE A 300 6.91 20.04 20.22
N ARG A 301 7.79 20.97 20.54
CA ARG A 301 9.19 20.63 20.70
C ARG A 301 9.47 20.24 22.15
N ARG A 302 8.44 20.27 22.98
CA ARG A 302 8.60 19.95 24.38
C ARG A 302 7.67 18.83 24.83
N VAL A 303 7.22 18.02 23.88
CA VAL A 303 6.33 16.90 24.20
C VAL A 303 6.88 15.59 23.64
N ALA A 304 6.52 14.48 24.26
CA ALA A 304 7.00 13.16 23.84
C ALA A 304 6.33 12.69 22.55
N ALA A 305 5.11 13.17 22.32
CA ALA A 305 4.38 12.78 21.11
C ALA A 305 3.13 13.64 20.97
N VAL A 306 2.54 13.60 19.78
CA VAL A 306 1.33 14.34 19.52
C VAL A 306 0.33 13.43 18.83
N ILE A 307 -0.93 13.54 19.27
CA ILE A 307 -2.01 12.78 18.69
C ILE A 307 -2.89 13.85 18.06
N HIS A 308 -3.11 13.77 16.76
CA HIS A 308 -3.92 14.78 16.10
C HIS A 308 -4.78 14.25 14.96
N HIS A 309 -5.50 15.15 14.31
CA HIS A 309 -6.41 14.81 13.23
C HIS A 309 -5.82 14.65 11.83
N GLY A 310 -4.58 15.10 11.64
CA GLY A 310 -3.96 14.95 10.33
C GLY A 310 -4.22 16.07 9.33
N SER A 311 -4.72 17.21 9.77
CA SER A 311 -4.91 18.32 8.86
C SER A 311 -3.50 18.82 8.52
N ALA A 312 -3.35 19.43 7.34
CA ALA A 312 -2.04 19.88 6.85
C ALA A 312 -1.16 20.71 7.79
N GLY A 313 -1.72 21.76 8.37
CA GLY A 313 -0.96 22.64 9.24
C GLY A 313 -0.39 21.98 10.48
N THR A 314 -1.26 21.33 11.24
CA THR A 314 -0.84 20.67 12.46
C THR A 314 0.21 19.61 12.15
N GLU A 315 0.05 18.89 11.04
CA GLU A 315 1.03 17.86 10.72
C GLU A 315 2.38 18.45 10.28
N HIS A 316 2.34 19.52 9.50
CA HIS A 316 3.59 20.15 9.08
C HIS A 316 4.33 20.66 10.32
N VAL A 317 3.60 21.30 11.21
CA VAL A 317 4.18 21.84 12.43
C VAL A 317 4.83 20.74 13.28
N ALA A 318 4.16 19.61 13.38
CA ALA A 318 4.68 18.48 14.14
C ALA A 318 5.89 17.89 13.45
N THR A 319 5.81 17.81 12.12
CA THR A 319 6.89 17.24 11.32
C THR A 319 8.19 18.05 11.41
N ARG A 320 8.11 19.37 11.34
CA ARG A 320 9.33 20.14 11.44
C ARG A 320 9.78 20.29 12.89
N ALA A 321 8.91 19.90 13.82
CA ALA A 321 9.25 19.97 15.24
C ALA A 321 9.99 18.69 15.64
N GLY A 322 9.95 17.69 14.76
CA GLY A 322 10.62 16.43 15.02
C GLY A 322 9.97 15.57 16.09
N VAL A 323 8.69 15.82 16.38
CA VAL A 323 7.99 15.04 17.40
C VAL A 323 7.22 13.87 16.78
N PRO A 324 7.28 12.68 17.41
CA PRO A 324 6.57 11.49 16.91
C PRO A 324 5.08 11.80 16.84
N GLN A 325 4.41 11.31 15.79
CA GLN A 325 2.99 11.59 15.61
C GLN A 325 2.05 10.39 15.49
N LEU A 326 0.90 10.49 16.16
CA LEU A 326 -0.13 9.45 16.08
C LEU A 326 -1.30 10.15 15.40
N VAL A 327 -1.54 9.80 14.15
CA VAL A 327 -2.60 10.45 13.39
C VAL A 327 -3.91 9.68 13.36
N ILE A 328 -4.99 10.35 13.77
CA ILE A 328 -6.33 9.76 13.75
C ILE A 328 -7.14 10.56 12.73
N PRO A 329 -7.04 10.18 11.44
CA PRO A 329 -7.73 10.85 10.34
C PRO A 329 -9.23 10.76 10.38
N ARG A 330 -9.90 11.86 10.02
CA ARG A 330 -11.35 11.90 10.04
C ARG A 330 -11.99 12.28 8.70
N ASN A 331 -11.32 13.15 7.93
CA ASN A 331 -11.92 13.62 6.70
C ASN A 331 -10.92 14.35 5.76
N THR A 332 -11.47 14.92 4.68
CA THR A 332 -10.70 15.68 3.69
C THR A 332 -9.36 15.06 3.31
N ASP A 333 -8.27 15.74 3.62
CA ASP A 333 -6.94 15.25 3.29
C ASP A 333 -6.23 14.53 4.44
N GLN A 334 -6.93 14.27 5.53
CA GLN A 334 -6.32 13.64 6.68
C GLN A 334 -5.87 12.19 6.45
N PRO A 335 -6.65 11.40 5.70
CA PRO A 335 -6.16 10.03 5.49
C PRO A 335 -4.84 10.10 4.69
N TYR A 336 -4.75 11.07 3.80
CA TYR A 336 -3.54 11.26 2.98
C TYR A 336 -2.35 11.60 3.89
N PHE A 337 -2.51 12.63 4.71
CA PHE A 337 -1.44 13.03 5.62
C PHE A 337 -1.07 11.95 6.62
N ALA A 338 -2.05 11.15 7.03
CA ALA A 338 -1.78 10.07 7.97
C ALA A 338 -0.86 9.08 7.26
N GLY A 339 -1.17 8.81 5.99
CA GLY A 339 -0.35 7.88 5.24
C GLY A 339 1.05 8.42 5.06
N ARG A 340 1.18 9.74 5.03
CA ARG A 340 2.50 10.35 4.86
C ARG A 340 3.33 10.15 6.12
N VAL A 341 2.70 10.27 7.29
CA VAL A 341 3.39 10.07 8.55
C VAL A 341 3.84 8.61 8.60
N ALA A 342 3.01 7.70 8.11
CA ALA A 342 3.37 6.29 8.09
C ALA A 342 4.57 6.02 7.16
N ALA A 343 4.50 6.57 5.95
CA ALA A 343 5.54 6.38 4.95
C ALA A 343 6.91 6.93 5.34
N LEU A 344 6.92 8.02 6.11
CA LEU A 344 8.18 8.63 6.52
C LEU A 344 8.72 8.02 7.82
N GLY A 345 7.94 7.13 8.43
CA GLY A 345 8.36 6.48 9.66
C GLY A 345 8.41 7.39 10.86
N ILE A 346 7.66 8.48 10.84
CA ILE A 346 7.68 9.41 11.94
C ILE A 346 6.50 9.27 12.90
N GLY A 347 5.75 8.18 12.76
CA GLY A 347 4.61 7.96 13.64
C GLY A 347 3.68 6.90 13.11
N VAL A 348 2.46 6.88 13.61
CA VAL A 348 1.50 5.89 13.16
C VAL A 348 0.25 6.52 12.60
N ALA A 349 -0.27 5.91 11.53
CA ALA A 349 -1.50 6.35 10.90
C ALA A 349 -2.56 5.44 11.49
N HIS A 350 -3.31 5.93 12.48
CA HIS A 350 -4.34 5.09 13.05
C HIS A 350 -5.31 4.71 11.95
N ASP A 351 -5.79 3.48 11.98
CA ASP A 351 -6.72 2.98 10.97
C ASP A 351 -8.17 3.40 11.22
N GLY A 352 -8.52 4.62 10.81
CA GLY A 352 -9.87 5.09 11.00
C GLY A 352 -10.01 6.17 12.07
N PRO A 353 -11.14 6.88 12.08
CA PRO A 353 -11.42 7.96 13.04
C PRO A 353 -11.92 7.55 14.41
N THR A 354 -12.17 6.25 14.59
CA THR A 354 -12.69 5.78 15.88
C THR A 354 -11.80 4.77 16.59
N PRO A 355 -10.86 5.26 17.39
CA PRO A 355 -9.94 4.37 18.11
C PRO A 355 -10.55 3.71 19.34
N THR A 356 -10.00 2.54 19.69
CA THR A 356 -10.43 1.80 20.87
C THR A 356 -9.19 1.83 21.76
N PHE A 357 -9.33 1.42 23.02
CA PHE A 357 -8.17 1.43 23.89
C PHE A 357 -7.06 0.57 23.32
N GLU A 358 -7.46 -0.52 22.67
CA GLU A 358 -6.51 -1.45 22.08
C GLU A 358 -5.73 -0.88 20.89
N SER A 359 -6.44 -0.39 19.88
CA SER A 359 -5.79 0.15 18.69
C SER A 359 -4.97 1.39 19.01
N LEU A 360 -5.48 2.22 19.92
CA LEU A 360 -4.77 3.43 20.27
C LEU A 360 -3.49 3.08 21.03
N SER A 361 -3.58 2.09 21.94
CA SER A 361 -2.44 1.65 22.72
C SER A 361 -1.33 1.08 21.84
N ALA A 362 -1.72 0.24 20.89
CA ALA A 362 -0.75 -0.37 19.98
C ALA A 362 -0.05 0.71 19.19
N ALA A 363 -0.82 1.68 18.70
CA ALA A 363 -0.25 2.77 17.94
C ALA A 363 0.68 3.61 18.81
N LEU A 364 0.21 3.92 20.01
CA LEU A 364 0.99 4.74 20.95
C LEU A 364 2.35 4.12 21.27
N THR A 365 2.37 2.81 21.48
CA THR A 365 3.61 2.11 21.79
C THR A 365 4.65 2.38 20.70
N THR A 366 4.23 2.20 19.45
CA THR A 366 5.11 2.42 18.31
C THR A 366 5.58 3.87 18.26
N VAL A 367 4.63 4.79 18.38
CA VAL A 367 4.89 6.23 18.35
C VAL A 367 5.92 6.66 19.39
N LEU A 368 5.89 6.02 20.56
CA LEU A 368 6.81 6.35 21.64
C LEU A 368 8.12 5.56 21.59
N ALA A 369 8.29 4.73 20.55
CA ALA A 369 9.52 3.95 20.42
C ALA A 369 10.67 4.84 19.98
N PRO A 370 11.86 4.67 20.60
CA PRO A 370 13.05 5.47 20.29
C PRO A 370 13.38 5.57 18.80
N GLU A 371 13.10 4.52 18.05
CA GLU A 371 13.35 4.53 16.61
C GLU A 371 12.54 5.67 16.00
N THR A 372 11.25 5.71 16.32
CA THR A 372 10.34 6.72 15.81
C THR A 372 10.85 8.13 16.13
N ARG A 373 11.27 8.35 17.37
CA ARG A 373 11.78 9.66 17.74
C ARG A 373 13.00 10.03 16.89
N ALA A 374 13.95 9.09 16.79
CA ALA A 374 15.15 9.32 15.99
C ALA A 374 14.77 9.68 14.56
N ARG A 375 13.79 8.96 14.02
CA ARG A 375 13.35 9.18 12.65
C ARG A 375 12.65 10.52 12.49
N ALA A 376 11.84 10.90 13.47
CA ALA A 376 11.14 12.18 13.41
C ALA A 376 12.16 13.30 13.42
N GLU A 377 13.14 13.22 14.31
CA GLU A 377 14.20 14.24 14.39
C GLU A 377 14.92 14.37 13.07
N ALA A 378 15.21 13.25 12.42
CA ALA A 378 15.90 13.26 11.13
C ALA A 378 15.07 13.96 10.06
N VAL A 379 13.83 13.52 9.90
CA VAL A 379 12.91 14.07 8.89
C VAL A 379 12.65 15.55 9.09
N ALA A 380 12.64 15.99 10.34
CA ALA A 380 12.38 17.39 10.64
C ALA A 380 13.30 18.34 9.87
N GLY A 381 14.49 17.86 9.51
CA GLY A 381 15.42 18.70 8.80
C GLY A 381 15.26 18.69 7.30
N MET A 382 14.36 17.86 6.80
CA MET A 382 14.14 17.76 5.37
C MET A 382 12.91 18.54 4.90
N VAL A 383 12.16 19.10 5.85
CA VAL A 383 10.94 19.83 5.52
C VAL A 383 10.97 21.31 5.92
N LEU A 384 12.07 21.99 5.60
CA LEU A 384 12.20 23.39 5.97
C LEU A 384 11.95 24.38 4.85
N THR A 385 11.70 23.87 3.64
CA THR A 385 11.44 24.74 2.49
C THR A 385 10.46 25.84 2.87
N ASP A 386 10.85 27.09 2.62
CA ASP A 386 10.04 28.24 2.95
C ASP A 386 9.04 28.56 1.83
N GLY A 387 7.84 28.01 1.96
CA GLY A 387 6.79 28.21 0.97
C GLY A 387 6.28 29.63 0.85
N ALA A 388 6.03 30.28 1.98
CA ALA A 388 5.54 31.66 1.96
C ALA A 388 6.48 32.58 1.18
N ALA A 389 7.79 32.37 1.36
CA ALA A 389 8.78 33.18 0.66
C ALA A 389 8.66 32.90 -0.84
N ALA A 390 8.50 31.63 -1.18
CA ALA A 390 8.38 31.24 -2.58
C ALA A 390 7.11 31.80 -3.19
N ALA A 391 6.02 31.76 -2.41
CA ALA A 391 4.73 32.26 -2.86
C ALA A 391 4.75 33.77 -3.03
N ALA A 392 5.34 34.47 -2.06
CA ALA A 392 5.42 35.92 -2.12
C ALA A 392 6.14 36.39 -3.38
N ASP A 393 7.19 35.67 -3.78
CA ASP A 393 7.93 36.04 -4.97
C ASP A 393 7.10 35.85 -6.24
N LEU A 394 6.34 34.76 -6.28
CA LEU A 394 5.49 34.52 -7.43
C LEU A 394 4.51 35.66 -7.54
N VAL A 395 3.93 36.05 -6.40
CA VAL A 395 2.96 37.14 -6.39
C VAL A 395 3.57 38.45 -6.87
N LEU A 396 4.73 38.81 -6.31
CA LEU A 396 5.40 40.05 -6.69
C LEU A 396 5.80 40.01 -8.16
N ALA A 397 6.30 38.88 -8.62
CA ALA A 397 6.71 38.74 -10.01
C ALA A 397 5.51 38.99 -10.93
N ALA A 398 4.33 38.61 -10.48
CA ALA A 398 3.10 38.78 -11.26
C ALA A 398 2.71 40.26 -11.30
N VAL A 399 2.89 40.94 -10.16
CA VAL A 399 2.58 42.35 -10.08
C VAL A 399 3.59 43.13 -10.93
N GLY A 400 4.83 42.66 -10.93
CA GLY A 400 5.87 43.31 -11.71
C GLY A 400 5.51 43.29 -13.17
N ARG A 401 5.19 42.10 -13.69
CA ARG A 401 4.82 41.95 -15.08
C ARG A 401 3.70 42.93 -15.44
N MET B 1 -8.00 -47.83 -12.23
CA MET B 1 -6.83 -47.25 -12.96
C MET B 1 -6.05 -46.35 -12.01
N ARG B 2 -4.73 -46.26 -12.21
CA ARG B 2 -3.91 -45.42 -11.33
C ARG B 2 -2.90 -44.57 -12.10
N VAL B 3 -2.65 -43.37 -11.57
CA VAL B 3 -1.71 -42.44 -12.18
C VAL B 3 -0.61 -42.12 -11.17
N LEU B 4 0.64 -42.15 -11.63
CA LEU B 4 1.76 -41.85 -10.76
C LEU B 4 2.20 -40.41 -10.89
N LEU B 5 2.22 -39.71 -9.76
CA LEU B 5 2.64 -38.32 -9.74
C LEU B 5 4.03 -38.27 -9.13
N SER B 6 4.99 -37.72 -9.86
CA SER B 6 6.34 -37.62 -9.35
C SER B 6 6.67 -36.16 -9.21
N VAL B 7 7.02 -35.76 -7.99
CA VAL B 7 7.35 -34.37 -7.72
C VAL B 7 8.72 -34.22 -7.09
N CYS B 8 9.50 -33.30 -7.63
CA CYS B 8 10.81 -33.02 -7.10
C CYS B 8 10.90 -31.51 -6.97
N GLY B 9 10.44 -31.00 -5.83
CA GLY B 9 10.47 -29.57 -5.60
C GLY B 9 10.08 -29.19 -4.19
N THR B 10 9.65 -27.94 -4.02
CA THR B 10 9.27 -27.43 -2.71
C THR B 10 7.77 -27.58 -2.45
N ARG B 11 7.30 -26.96 -1.38
CA ARG B 11 5.89 -27.00 -1.00
C ARG B 11 5.02 -26.71 -2.23
N GLY B 12 5.34 -25.63 -2.92
CA GLY B 12 4.58 -25.25 -4.11
C GLY B 12 4.42 -26.35 -5.13
N ASP B 13 5.49 -27.11 -5.37
CA ASP B 13 5.45 -28.21 -6.33
C ASP B 13 4.60 -29.34 -5.79
N VAL B 14 4.73 -29.60 -4.50
CA VAL B 14 3.96 -30.64 -3.84
C VAL B 14 2.47 -30.32 -3.94
N GLU B 15 2.11 -29.06 -3.69
CA GLU B 15 0.71 -28.67 -3.73
C GLU B 15 0.12 -28.85 -5.12
N ILE B 16 0.92 -28.60 -6.15
CA ILE B 16 0.46 -28.75 -7.53
C ILE B 16 0.09 -30.21 -7.79
N GLY B 17 0.95 -31.13 -7.35
CA GLY B 17 0.67 -32.54 -7.56
C GLY B 17 -0.54 -33.00 -6.78
N VAL B 18 -0.68 -32.49 -5.56
CA VAL B 18 -1.80 -32.83 -4.70
C VAL B 18 -3.11 -32.38 -5.35
N ALA B 19 -3.09 -31.21 -5.97
CA ALA B 19 -4.27 -30.68 -6.62
C ALA B 19 -4.74 -31.60 -7.74
N LEU B 20 -3.77 -32.13 -8.50
CA LEU B 20 -4.09 -33.05 -9.59
C LEU B 20 -4.55 -34.38 -9.03
N ALA B 21 -3.94 -34.80 -7.92
CA ALA B 21 -4.30 -36.06 -7.29
C ALA B 21 -5.74 -35.97 -6.84
N ASP B 22 -6.10 -34.86 -6.20
CA ASP B 22 -7.46 -34.65 -5.73
C ASP B 22 -8.43 -34.76 -6.90
N ARG B 23 -8.17 -33.98 -7.95
CA ARG B 23 -9.01 -33.99 -9.13
C ARG B 23 -9.07 -35.41 -9.72
N LEU B 24 -7.93 -36.10 -9.74
CA LEU B 24 -7.90 -37.46 -10.28
C LEU B 24 -8.79 -38.37 -9.44
N LYS B 25 -8.83 -38.11 -8.14
CA LYS B 25 -9.65 -38.90 -7.23
C LYS B 25 -11.13 -38.71 -7.57
N ALA B 26 -11.53 -37.47 -7.85
CA ALA B 26 -12.91 -37.16 -8.20
C ALA B 26 -13.34 -37.89 -9.47
N LEU B 27 -12.39 -38.17 -10.34
CA LEU B 27 -12.69 -38.88 -11.59
C LEU B 27 -12.63 -40.39 -11.37
N GLY B 28 -12.46 -40.80 -10.12
CA GLY B 28 -12.40 -42.21 -9.80
C GLY B 28 -11.06 -42.85 -10.10
N VAL B 29 -10.04 -42.03 -10.34
CA VAL B 29 -8.70 -42.53 -10.65
C VAL B 29 -7.80 -42.48 -9.42
N GLN B 30 -7.17 -43.60 -9.11
CA GLN B 30 -6.27 -43.70 -7.97
C GLN B 30 -4.92 -43.07 -8.29
N THR B 31 -4.24 -42.56 -7.27
CA THR B 31 -2.95 -41.92 -7.47
C THR B 31 -1.92 -42.33 -6.42
N ARG B 32 -0.66 -42.11 -6.76
CA ARG B 32 0.47 -42.41 -5.89
C ARG B 32 1.43 -41.25 -6.14
N MET B 33 2.29 -40.92 -5.17
CA MET B 33 3.19 -39.81 -5.40
C MET B 33 4.60 -39.94 -4.83
N CYS B 34 5.59 -39.80 -5.70
CA CYS B 34 6.99 -39.81 -5.29
C CYS B 34 7.21 -38.34 -4.99
N ALA B 35 7.61 -38.03 -3.76
CA ALA B 35 7.84 -36.65 -3.37
C ALA B 35 8.86 -36.61 -2.27
N PRO B 36 9.47 -35.44 -2.05
CA PRO B 36 10.48 -35.32 -1.00
C PRO B 36 9.94 -35.79 0.35
N PRO B 37 10.83 -36.25 1.25
CA PRO B 37 10.39 -36.73 2.56
C PRO B 37 9.48 -35.73 3.27
N ALA B 38 9.86 -34.45 3.20
CA ALA B 38 9.10 -33.37 3.84
C ALA B 38 7.65 -33.22 3.38
N ALA B 39 7.27 -33.92 2.32
CA ALA B 39 5.90 -33.83 1.83
C ALA B 39 4.98 -34.80 2.55
N GLU B 40 5.55 -35.63 3.42
CA GLU B 40 4.80 -36.63 4.17
C GLU B 40 3.52 -36.09 4.82
N GLU B 41 3.68 -35.15 5.74
CA GLU B 41 2.54 -34.55 6.44
C GLU B 41 1.41 -34.15 5.49
N ARG B 42 1.72 -33.31 4.51
CA ARG B 42 0.71 -32.85 3.55
C ARG B 42 0.04 -33.98 2.79
N LEU B 43 0.83 -34.96 2.35
CA LEU B 43 0.27 -36.09 1.61
C LEU B 43 -0.65 -36.91 2.51
N ALA B 44 -0.31 -37.00 3.78
CA ALA B 44 -1.13 -37.73 4.73
C ALA B 44 -2.47 -37.01 4.91
N GLU B 45 -2.44 -35.69 4.92
CA GLU B 45 -3.66 -34.90 5.07
C GLU B 45 -4.64 -35.14 3.95
N VAL B 46 -4.13 -35.33 2.73
CA VAL B 46 -4.99 -35.56 1.57
C VAL B 46 -5.20 -37.02 1.21
N GLY B 47 -4.57 -37.92 1.97
CA GLY B 47 -4.74 -39.33 1.70
C GLY B 47 -4.09 -39.81 0.41
N VAL B 48 -2.94 -39.25 0.06
CA VAL B 48 -2.23 -39.68 -1.15
C VAL B 48 -1.02 -40.49 -0.72
N PRO B 49 -0.97 -41.78 -1.12
CA PRO B 49 0.17 -42.62 -0.76
C PRO B 49 1.49 -41.97 -1.17
N HIS B 50 2.40 -41.89 -0.20
CA HIS B 50 3.70 -41.25 -0.41
C HIS B 50 4.91 -42.18 -0.51
N VAL B 51 5.64 -42.05 -1.62
CA VAL B 51 6.86 -42.83 -1.82
C VAL B 51 7.97 -41.78 -1.73
N PRO B 52 8.63 -41.69 -0.57
CA PRO B 52 9.70 -40.70 -0.41
C PRO B 52 10.88 -40.84 -1.37
N VAL B 53 11.23 -39.73 -1.99
CA VAL B 53 12.34 -39.68 -2.93
C VAL B 53 13.02 -38.34 -2.74
N GLY B 54 14.33 -38.34 -2.62
CA GLY B 54 15.04 -37.08 -2.44
C GLY B 54 15.58 -36.86 -1.05
N LEU B 55 16.32 -35.77 -0.90
CA LEU B 55 16.95 -35.41 0.37
C LEU B 55 15.98 -34.92 1.44
N PRO B 56 16.38 -35.02 2.70
CA PRO B 56 15.52 -34.58 3.80
C PRO B 56 15.57 -33.06 3.86
N GLN B 57 14.46 -32.45 4.28
CA GLN B 57 14.37 -31.02 4.37
C GLN B 57 15.56 -30.38 5.06
N HIS B 58 16.14 -31.04 6.06
CA HIS B 58 17.27 -30.44 6.75
C HIS B 58 18.57 -30.40 5.95
N MET B 59 18.58 -31.03 4.77
CA MET B 59 19.76 -31.00 3.92
C MET B 59 19.65 -29.89 2.87
N MET B 60 18.53 -29.17 2.88
CA MET B 60 18.31 -28.10 1.92
C MET B 60 19.29 -26.97 2.19
N LEU B 61 19.87 -26.41 1.12
CA LEU B 61 20.82 -25.32 1.23
C LEU B 61 20.07 -24.00 1.16
N GLN B 62 20.18 -23.19 2.21
CA GLN B 62 19.48 -21.92 2.25
C GLN B 62 20.10 -20.80 1.43
N GLU B 63 19.26 -19.84 1.04
CA GLU B 63 19.68 -18.68 0.27
C GLU B 63 20.80 -18.00 1.05
N GLY B 64 21.88 -17.68 0.37
CA GLY B 64 22.99 -17.02 1.04
C GLY B 64 24.11 -17.98 1.39
N MET B 65 23.79 -19.27 1.58
CA MET B 65 24.81 -20.25 1.92
C MET B 65 25.78 -20.40 0.74
N PRO B 66 27.07 -20.62 1.04
CA PRO B 66 28.04 -20.77 -0.05
C PRO B 66 27.75 -22.03 -0.86
N PRO B 67 27.86 -21.94 -2.19
CA PRO B 67 27.60 -23.08 -3.07
C PRO B 67 28.50 -24.26 -2.74
N PRO B 68 28.01 -25.48 -2.95
CA PRO B 68 28.85 -26.64 -2.65
C PRO B 68 29.98 -26.76 -3.67
N PRO B 69 31.08 -27.43 -3.30
CA PRO B 69 32.20 -27.58 -4.22
C PRO B 69 31.75 -28.36 -5.46
N PRO B 70 32.42 -28.15 -6.60
CA PRO B 70 32.07 -28.85 -7.86
C PRO B 70 31.83 -30.34 -7.71
N GLU B 71 32.64 -31.00 -6.89
CA GLU B 71 32.50 -32.44 -6.68
C GLU B 71 31.13 -32.74 -6.05
N GLU B 72 30.70 -31.87 -5.15
CA GLU B 72 29.41 -32.07 -4.48
C GLU B 72 28.23 -31.80 -5.42
N GLU B 73 28.37 -30.81 -6.30
CA GLU B 73 27.30 -30.50 -7.24
C GLU B 73 27.11 -31.70 -8.16
N GLN B 74 28.23 -32.24 -8.64
CA GLN B 74 28.17 -33.40 -9.52
C GLN B 74 27.46 -34.54 -8.82
N ARG B 75 27.77 -34.72 -7.54
CA ARG B 75 27.18 -35.77 -6.72
C ARG B 75 25.67 -35.56 -6.65
N LEU B 76 25.28 -34.32 -6.38
CA LEU B 76 23.87 -33.95 -6.27
C LEU B 76 23.18 -34.15 -7.62
N ALA B 77 23.81 -33.68 -8.69
CA ALA B 77 23.24 -33.84 -10.04
C ALA B 77 22.96 -35.30 -10.36
N ALA B 78 23.91 -36.18 -10.03
CA ALA B 78 23.74 -37.60 -10.30
C ALA B 78 22.62 -38.20 -9.45
N MET B 79 22.57 -37.82 -8.18
CA MET B 79 21.52 -38.31 -7.28
C MET B 79 20.14 -37.99 -7.84
N THR B 80 19.95 -36.72 -8.21
CA THR B 80 18.68 -36.25 -8.74
C THR B 80 18.16 -37.18 -9.83
N VAL B 81 19.07 -37.65 -10.67
CA VAL B 81 18.72 -38.55 -11.78
C VAL B 81 18.62 -40.01 -11.35
N GLU B 82 19.62 -40.50 -10.62
CA GLU B 82 19.62 -41.89 -10.20
C GLU B 82 18.47 -42.28 -9.28
N MET B 83 18.09 -41.39 -8.36
CA MET B 83 17.00 -41.73 -7.45
C MET B 83 15.72 -42.01 -8.22
N GLN B 84 15.54 -41.36 -9.37
CA GLN B 84 14.36 -41.60 -10.18
C GLN B 84 14.40 -43.04 -10.69
N PHE B 85 15.53 -43.41 -11.28
CA PHE B 85 15.69 -44.77 -11.81
C PHE B 85 15.56 -45.82 -10.72
N ASP B 86 15.78 -45.42 -9.46
CA ASP B 86 15.67 -46.37 -8.36
C ASP B 86 14.31 -46.44 -7.70
N ALA B 87 13.57 -45.34 -7.72
CA ALA B 87 12.25 -45.32 -7.09
C ALA B 87 11.06 -45.45 -8.04
N VAL B 88 11.08 -44.70 -9.14
CA VAL B 88 9.97 -44.71 -10.09
C VAL B 88 9.52 -46.05 -10.61
N PRO B 89 10.44 -46.91 -11.08
CA PRO B 89 9.98 -48.21 -11.57
C PRO B 89 9.08 -48.94 -10.57
N GLY B 90 9.49 -48.95 -9.31
CA GLY B 90 8.68 -49.61 -8.29
C GLY B 90 7.38 -48.85 -8.07
N ALA B 91 7.50 -47.53 -7.97
CA ALA B 91 6.33 -46.67 -7.73
C ALA B 91 5.34 -46.71 -8.88
N ALA B 92 5.82 -46.94 -10.10
CA ALA B 92 4.96 -46.98 -11.27
C ALA B 92 4.19 -48.30 -11.34
N GLU B 93 4.39 -49.15 -10.33
CA GLU B 93 3.71 -50.44 -10.28
C GLU B 93 2.21 -50.32 -10.51
N GLY B 94 1.73 -50.92 -11.60
CA GLY B 94 0.32 -50.86 -11.92
C GLY B 94 -0.21 -49.46 -12.13
N CYS B 95 0.40 -48.71 -13.05
CA CYS B 95 -0.05 -47.36 -13.35
C CYS B 95 -0.30 -47.20 -14.84
N ALA B 96 -1.19 -46.29 -15.20
CA ALA B 96 -1.54 -46.05 -16.59
C ALA B 96 -0.83 -44.84 -17.18
N ALA B 97 -0.31 -43.98 -16.32
CA ALA B 97 0.40 -42.79 -16.80
C ALA B 97 1.26 -42.20 -15.69
N VAL B 98 2.14 -41.28 -16.08
CA VAL B 98 3.04 -40.62 -15.14
C VAL B 98 3.08 -39.13 -15.41
N VAL B 99 2.98 -38.34 -14.35
CA VAL B 99 3.03 -36.88 -14.44
C VAL B 99 4.14 -36.39 -13.53
N ALA B 100 5.04 -35.57 -14.08
CA ALA B 100 6.17 -35.04 -13.30
C ALA B 100 6.05 -33.54 -13.08
N VAL B 101 6.43 -33.12 -11.89
CA VAL B 101 6.39 -31.71 -11.54
C VAL B 101 7.68 -31.31 -10.83
N GLY B 102 8.17 -30.12 -11.12
CA GLY B 102 9.39 -29.68 -10.47
C GLY B 102 10.65 -29.79 -11.31
N ASP B 103 11.74 -30.17 -10.65
CA ASP B 103 13.03 -30.28 -11.30
C ASP B 103 13.05 -31.04 -12.63
N LEU B 104 13.52 -30.36 -13.67
CA LEU B 104 13.62 -30.91 -15.01
C LEU B 104 14.51 -32.15 -15.06
N ALA B 105 15.68 -32.07 -14.43
CA ALA B 105 16.60 -33.20 -14.42
C ALA B 105 15.89 -34.43 -13.87
N ALA B 106 15.16 -34.26 -12.77
CA ALA B 106 14.45 -35.37 -12.17
C ALA B 106 13.46 -35.91 -13.19
N ALA B 107 12.81 -35.00 -13.92
CA ALA B 107 11.83 -35.37 -14.93
C ALA B 107 12.44 -36.24 -16.02
N THR B 108 13.67 -35.93 -16.44
CA THR B 108 14.31 -36.73 -17.49
C THR B 108 14.36 -38.19 -17.04
N GLY B 109 14.61 -38.39 -15.75
CA GLY B 109 14.66 -39.73 -15.22
C GLY B 109 13.27 -40.36 -15.15
N VAL B 110 12.28 -39.57 -14.75
CA VAL B 110 10.92 -40.08 -14.64
C VAL B 110 10.42 -40.49 -16.03
N ARG B 111 10.70 -39.67 -17.03
CA ARG B 111 10.26 -39.98 -18.39
C ARG B 111 10.95 -41.24 -18.90
N SER B 112 12.28 -41.30 -18.75
CA SER B 112 13.04 -42.48 -19.18
C SER B 112 12.38 -43.75 -18.70
N VAL B 113 12.05 -43.80 -17.41
CA VAL B 113 11.40 -44.99 -16.85
C VAL B 113 10.03 -45.18 -17.49
N ALA B 114 9.23 -44.11 -17.53
CA ALA B 114 7.89 -44.19 -18.11
C ALA B 114 7.99 -44.74 -19.53
N GLU B 115 9.07 -44.40 -20.22
CA GLU B 115 9.30 -44.85 -21.58
C GLU B 115 9.55 -46.36 -21.59
N LYS B 116 10.39 -46.81 -20.66
CA LYS B 116 10.70 -48.23 -20.56
C LYS B 116 9.43 -49.02 -20.34
N LEU B 117 8.52 -48.46 -19.56
CA LEU B 117 7.26 -49.12 -19.26
C LEU B 117 6.20 -48.81 -20.32
N GLY B 118 6.54 -47.94 -21.26
CA GLY B 118 5.63 -47.58 -22.33
C GLY B 118 4.40 -46.82 -21.84
N LEU B 119 4.57 -46.07 -20.75
CA LEU B 119 3.48 -45.29 -20.17
C LEU B 119 3.51 -43.84 -20.65
N PRO B 120 2.34 -43.24 -20.84
CA PRO B 120 2.31 -41.83 -21.29
C PRO B 120 2.91 -40.96 -20.18
N PHE B 121 3.75 -40.02 -20.58
CA PHE B 121 4.40 -39.13 -19.63
C PHE B 121 4.01 -37.67 -19.85
N PHE B 122 3.87 -36.93 -18.76
CA PHE B 122 3.51 -35.52 -18.81
C PHE B 122 4.36 -34.73 -17.83
N TYR B 123 4.75 -33.53 -18.25
CA TYR B 123 5.55 -32.66 -17.39
C TYR B 123 4.86 -31.31 -17.38
N SER B 124 4.90 -30.64 -16.23
CA SER B 124 4.26 -29.33 -16.13
C SER B 124 5.17 -28.33 -15.45
N VAL B 125 5.01 -27.07 -15.84
CA VAL B 125 5.78 -25.99 -15.26
C VAL B 125 4.75 -25.05 -14.64
N PRO B 126 5.16 -24.25 -13.66
CA PRO B 126 4.21 -23.33 -13.02
C PRO B 126 4.09 -21.93 -13.63
N SER B 127 5.03 -21.58 -14.51
CA SER B 127 5.01 -20.25 -15.12
C SER B 127 5.66 -20.21 -16.51
N PRO B 128 5.35 -19.19 -17.31
CA PRO B 128 5.89 -19.02 -18.65
C PRO B 128 7.42 -18.98 -18.71
N VAL B 129 8.06 -18.45 -17.66
CA VAL B 129 9.52 -18.35 -17.63
C VAL B 129 10.27 -19.68 -17.58
N TYR B 130 9.54 -20.80 -17.57
CA TYR B 130 10.19 -22.11 -17.56
C TYR B 130 10.07 -22.75 -18.93
N LEU B 131 9.50 -21.98 -19.86
CA LEU B 131 9.31 -22.45 -21.22
C LEU B 131 10.21 -21.67 -22.17
N ALA B 132 11.04 -22.39 -22.92
CA ALA B 132 11.97 -21.78 -23.86
C ALA B 132 11.28 -20.98 -24.97
N SER B 133 11.69 -19.73 -25.13
CA SER B 133 11.13 -18.85 -26.15
C SER B 133 11.94 -17.56 -26.18
N PRO B 134 11.84 -16.80 -27.28
CA PRO B 134 12.59 -15.54 -27.38
C PRO B 134 11.95 -14.41 -26.59
N HIS B 135 10.71 -14.63 -26.16
CA HIS B 135 9.93 -13.61 -25.45
C HIS B 135 10.22 -13.40 -23.96
N LEU B 136 10.57 -14.47 -23.26
CA LEU B 136 10.85 -14.37 -21.83
C LEU B 136 12.12 -15.08 -21.42
N PRO B 137 12.96 -14.42 -20.60
CA PRO B 137 14.21 -14.99 -20.12
C PRO B 137 13.95 -16.17 -19.17
N PRO B 138 14.89 -17.11 -19.06
CA PRO B 138 14.74 -18.27 -18.19
C PRO B 138 14.55 -17.86 -16.73
N ALA B 139 13.87 -18.72 -15.96
CA ALA B 139 13.67 -18.47 -14.53
C ALA B 139 15.02 -18.18 -13.89
N TYR B 140 15.07 -17.21 -12.98
CA TYR B 140 16.33 -16.86 -12.32
C TYR B 140 16.71 -17.86 -11.23
N ASP B 141 17.21 -19.02 -11.64
CA ASP B 141 17.58 -20.08 -10.71
C ASP B 141 19.06 -20.46 -10.71
N GLU B 142 19.81 -20.01 -11.71
CA GLU B 142 21.23 -20.33 -11.81
C GLU B 142 22.03 -19.16 -12.36
N PRO B 143 23.26 -18.98 -11.89
CA PRO B 143 24.06 -17.88 -12.41
C PRO B 143 24.19 -18.05 -13.93
N THR B 144 24.12 -16.95 -14.68
CA THR B 144 24.21 -17.05 -16.13
C THR B 144 25.37 -16.28 -16.74
N THR B 145 25.81 -16.75 -17.92
CA THR B 145 26.91 -16.15 -18.67
C THR B 145 26.84 -14.65 -18.56
N PRO B 146 27.71 -14.04 -17.76
CA PRO B 146 27.70 -12.58 -17.60
C PRO B 146 27.72 -11.84 -18.93
N GLY B 147 26.77 -10.94 -19.11
CA GLY B 147 26.69 -10.17 -20.34
C GLY B 147 25.53 -10.60 -21.21
N VAL B 148 25.36 -11.91 -21.39
CA VAL B 148 24.28 -12.44 -22.21
C VAL B 148 22.93 -11.91 -21.76
N THR B 149 22.22 -11.28 -22.70
CA THR B 149 20.90 -10.72 -22.43
C THR B 149 19.94 -11.18 -23.52
N ASP B 150 20.49 -11.73 -24.60
CA ASP B 150 19.67 -12.23 -25.68
C ASP B 150 18.93 -13.44 -25.16
N ILE B 151 17.62 -13.30 -25.02
CA ILE B 151 16.79 -14.39 -24.50
C ILE B 151 17.06 -15.71 -25.21
N ARG B 152 17.12 -15.69 -26.54
CA ARG B 152 17.37 -16.90 -27.30
C ARG B 152 18.65 -17.60 -26.88
N VAL B 153 19.68 -16.80 -26.59
CA VAL B 153 20.98 -17.33 -26.18
C VAL B 153 20.90 -17.93 -24.79
N LEU B 154 20.35 -17.18 -23.84
CA LEU B 154 20.22 -17.65 -22.46
C LEU B 154 19.64 -19.06 -22.45
N TRP B 155 18.56 -19.26 -23.19
CA TRP B 155 17.91 -20.57 -23.25
C TRP B 155 18.82 -21.59 -23.94
N GLU B 156 19.56 -21.15 -24.95
CA GLU B 156 20.46 -22.06 -25.66
C GLU B 156 21.58 -22.51 -24.72
N GLU B 157 22.12 -21.60 -23.93
CA GLU B 157 23.18 -21.95 -23.00
C GLU B 157 22.63 -22.73 -21.81
N ARG B 158 21.39 -22.43 -21.42
CA ARG B 158 20.76 -23.11 -20.30
C ARG B 158 20.60 -24.59 -20.67
N ALA B 159 20.13 -24.83 -21.88
CA ALA B 159 19.91 -26.20 -22.38
C ALA B 159 21.20 -27.00 -22.53
N ALA B 160 22.23 -26.36 -23.08
CA ALA B 160 23.52 -27.01 -23.30
C ALA B 160 24.13 -27.37 -21.95
N ARG B 161 24.07 -26.43 -21.02
CA ARG B 161 24.60 -26.60 -19.67
C ARG B 161 23.89 -27.79 -19.01
N PHE B 162 22.58 -27.85 -19.22
CA PHE B 162 21.76 -28.91 -18.66
C PHE B 162 22.22 -30.27 -19.22
N ALA B 163 22.48 -30.31 -20.52
CA ALA B 163 22.92 -31.54 -21.17
C ALA B 163 24.27 -32.02 -20.65
N ASP B 164 25.21 -31.10 -20.47
CA ASP B 164 26.55 -31.46 -19.99
C ASP B 164 26.52 -31.97 -18.55
N ARG B 165 25.68 -31.37 -17.72
CA ARG B 165 25.59 -31.75 -16.31
C ARG B 165 24.83 -33.04 -16.01
N TYR B 166 23.73 -33.29 -16.71
CA TYR B 166 22.93 -34.50 -16.46
C TYR B 166 22.98 -35.58 -17.54
N GLY B 167 23.45 -35.23 -18.73
CA GLY B 167 23.51 -36.20 -19.81
C GLY B 167 24.20 -37.49 -19.43
N PRO B 168 25.41 -37.41 -18.87
CA PRO B 168 26.16 -38.60 -18.46
C PRO B 168 25.37 -39.60 -17.62
N THR B 169 24.87 -39.15 -16.47
CA THR B 169 24.10 -40.03 -15.59
C THR B 169 22.83 -40.55 -16.23
N LEU B 170 22.09 -39.64 -16.88
CA LEU B 170 20.84 -40.00 -17.54
C LEU B 170 21.02 -41.14 -18.53
N ASN B 171 21.92 -40.94 -19.48
CA ASN B 171 22.14 -41.97 -20.50
C ASN B 171 22.78 -43.24 -19.94
N ARG B 172 23.65 -43.09 -18.94
CA ARG B 172 24.30 -44.24 -18.33
C ARG B 172 23.19 -45.12 -17.76
N ARG B 173 22.31 -44.51 -16.97
CA ARG B 173 21.20 -45.23 -16.35
C ARG B 173 20.19 -45.75 -17.37
N ARG B 174 19.98 -44.98 -18.43
CA ARG B 174 19.06 -45.40 -19.49
C ARG B 174 19.62 -46.67 -20.12
N ALA B 175 20.92 -46.65 -20.41
CA ALA B 175 21.60 -47.80 -21.01
C ALA B 175 21.38 -49.05 -20.15
N GLU B 176 21.50 -48.88 -18.83
CA GLU B 176 21.30 -49.99 -17.90
C GLU B 176 19.95 -50.69 -18.09
N ILE B 177 18.90 -49.94 -18.38
CA ILE B 177 17.60 -50.55 -18.57
C ILE B 177 17.24 -50.74 -20.04
N GLY B 178 18.26 -50.73 -20.89
CA GLY B 178 18.07 -50.94 -22.31
C GLY B 178 17.57 -49.79 -23.16
N LEU B 179 17.62 -48.57 -22.65
CA LEU B 179 17.17 -47.42 -23.42
C LEU B 179 18.33 -46.68 -24.07
N PRO B 180 18.16 -46.27 -25.33
CA PRO B 180 19.20 -45.55 -26.07
C PRO B 180 19.42 -44.16 -25.47
N PRO B 181 20.61 -43.59 -25.69
CA PRO B 181 20.93 -42.26 -25.16
C PRO B 181 20.10 -41.12 -25.75
N VAL B 182 19.88 -40.10 -24.94
CA VAL B 182 19.13 -38.92 -25.33
C VAL B 182 20.12 -37.81 -25.67
N GLU B 183 19.93 -37.16 -26.82
CA GLU B 183 20.81 -36.07 -27.21
C GLU B 183 20.29 -34.74 -26.64
N ASP B 184 19.04 -34.42 -26.95
CA ASP B 184 18.42 -33.18 -26.47
C ASP B 184 17.86 -33.45 -25.06
N VAL B 185 18.76 -33.48 -24.09
CA VAL B 185 18.37 -33.74 -22.70
C VAL B 185 17.45 -32.68 -22.12
N PHE B 186 17.78 -31.41 -22.31
CA PHE B 186 16.96 -30.32 -21.80
C PHE B 186 15.52 -30.44 -22.28
N GLY B 187 15.34 -30.69 -23.56
CA GLY B 187 13.99 -30.81 -24.11
C GLY B 187 13.29 -32.11 -23.73
N TYR B 188 14.06 -33.17 -23.57
CA TYR B 188 13.51 -34.48 -23.24
C TYR B 188 12.70 -34.49 -21.93
N GLY B 189 13.11 -33.66 -20.98
CA GLY B 189 12.42 -33.61 -19.71
C GLY B 189 11.00 -33.08 -19.78
N HIS B 190 10.73 -32.21 -20.73
CA HIS B 190 9.41 -31.61 -20.90
C HIS B 190 8.34 -32.54 -21.47
N GLY B 191 8.75 -33.73 -21.91
CA GLY B 191 7.81 -34.67 -22.48
C GLY B 191 7.40 -34.23 -23.88
N GLU B 192 6.44 -34.92 -24.48
CA GLU B 192 5.97 -34.57 -25.82
C GLU B 192 5.58 -33.10 -25.87
N ARG B 193 4.64 -32.70 -25.03
CA ARG B 193 4.19 -31.32 -24.95
C ARG B 193 4.00 -30.94 -23.49
N PRO B 194 4.83 -30.03 -22.98
CA PRO B 194 4.75 -29.58 -21.59
C PRO B 194 3.46 -28.84 -21.26
N LEU B 195 3.01 -28.98 -20.02
CA LEU B 195 1.79 -28.32 -19.56
C LEU B 195 2.14 -27.10 -18.72
N LEU B 196 1.51 -25.97 -19.03
CA LEU B 196 1.73 -24.76 -18.26
C LEU B 196 0.61 -24.70 -17.23
N ALA B 197 0.93 -25.13 -16.01
CA ALA B 197 -0.03 -25.15 -14.92
C ALA B 197 -0.14 -23.79 -14.24
N ALA B 198 -0.60 -22.80 -15.00
CA ALA B 198 -0.76 -21.45 -14.49
C ALA B 198 -2.00 -20.85 -15.13
N ASP B 199 -2.61 -19.90 -14.46
CA ASP B 199 -3.82 -19.25 -14.99
C ASP B 199 -3.50 -18.35 -16.18
N PRO B 200 -4.23 -18.54 -17.29
CA PRO B 200 -4.07 -17.77 -18.54
C PRO B 200 -4.18 -16.26 -18.41
N VAL B 201 -4.90 -15.78 -17.40
CA VAL B 201 -5.04 -14.35 -17.19
C VAL B 201 -3.89 -13.85 -16.32
N LEU B 202 -3.62 -14.58 -15.24
CA LEU B 202 -2.55 -14.20 -14.35
C LEU B 202 -1.17 -14.36 -15.00
N ALA B 203 -0.96 -15.48 -15.69
CA ALA B 203 0.32 -15.73 -16.34
C ALA B 203 0.11 -16.40 -17.70
N PRO B 204 -0.26 -15.61 -18.71
CA PRO B 204 -0.51 -16.08 -20.07
C PRO B 204 0.69 -16.69 -20.79
N LEU B 205 0.43 -17.77 -21.51
CA LEU B 205 1.43 -18.47 -22.29
C LEU B 205 1.97 -17.55 -23.38
N GLN B 206 3.28 -17.35 -23.42
CA GLN B 206 3.87 -16.50 -24.44
C GLN B 206 3.70 -17.18 -25.80
N PRO B 207 3.85 -16.41 -26.89
CA PRO B 207 3.69 -17.01 -28.22
C PRO B 207 4.92 -17.80 -28.67
N ASP B 208 4.74 -18.66 -29.68
CA ASP B 208 5.82 -19.48 -30.20
C ASP B 208 6.26 -20.59 -29.26
N VAL B 209 5.40 -20.94 -28.30
CA VAL B 209 5.72 -21.99 -27.36
C VAL B 209 4.77 -23.16 -27.49
N ASP B 210 5.30 -24.34 -27.80
CA ASP B 210 4.48 -25.52 -27.95
C ASP B 210 4.16 -26.10 -26.57
N ALA B 211 3.07 -25.63 -25.97
CA ALA B 211 2.67 -26.08 -24.65
C ALA B 211 1.16 -25.96 -24.51
N VAL B 212 0.64 -26.45 -23.40
CA VAL B 212 -0.79 -26.41 -23.15
C VAL B 212 -1.05 -25.72 -21.82
N GLN B 213 -1.59 -24.50 -21.88
CA GLN B 213 -1.89 -23.77 -20.65
C GLN B 213 -3.24 -24.21 -20.13
N THR B 214 -3.22 -25.13 -19.18
CA THR B 214 -4.42 -25.69 -18.58
C THR B 214 -5.04 -24.78 -17.53
N GLY B 215 -4.20 -23.93 -16.94
CA GLY B 215 -4.67 -23.06 -15.87
C GLY B 215 -4.07 -23.62 -14.59
N ALA B 216 -3.97 -22.80 -13.55
CA ALA B 216 -3.39 -23.23 -12.28
C ALA B 216 -4.03 -24.50 -11.72
N TRP B 217 -3.20 -25.38 -11.16
CA TRP B 217 -3.69 -26.62 -10.56
C TRP B 217 -3.87 -26.34 -9.08
N LEU B 218 -5.12 -26.20 -8.65
CA LEU B 218 -5.42 -25.93 -7.25
C LEU B 218 -6.66 -26.70 -6.81
N LEU B 219 -6.68 -27.10 -5.55
CA LEU B 219 -7.82 -27.82 -5.01
C LEU B 219 -8.50 -26.87 -4.04
N SER B 220 -9.69 -27.25 -3.58
CA SER B 220 -10.40 -26.41 -2.63
C SER B 220 -9.94 -26.79 -1.23
N ASP B 221 -9.09 -25.95 -0.65
CA ASP B 221 -8.60 -26.22 0.69
C ASP B 221 -9.71 -25.94 1.68
N GLU B 222 -10.22 -27.00 2.31
CA GLU B 222 -11.30 -26.84 3.28
C GLU B 222 -10.84 -27.00 4.71
N ARG B 223 -9.53 -27.15 4.91
CA ARG B 223 -8.99 -27.27 6.25
C ARG B 223 -9.39 -26.00 6.99
N PRO B 224 -10.00 -26.14 8.16
CA PRO B 224 -10.38 -24.92 8.89
C PRO B 224 -9.13 -24.30 9.48
N LEU B 225 -9.24 -23.05 9.92
CA LEU B 225 -8.10 -22.36 10.53
C LEU B 225 -8.07 -22.69 12.02
N PRO B 226 -6.87 -22.79 12.62
CA PRO B 226 -6.84 -23.10 14.05
C PRO B 226 -7.63 -22.08 14.87
N PRO B 227 -8.23 -22.52 15.99
CA PRO B 227 -9.01 -21.62 16.86
C PRO B 227 -8.24 -20.44 17.44
N GLU B 228 -6.96 -20.61 17.74
CA GLU B 228 -6.19 -19.49 18.28
C GLU B 228 -6.18 -18.36 17.23
N LEU B 229 -6.04 -18.75 15.97
CA LEU B 229 -6.02 -17.80 14.86
C LEU B 229 -7.37 -17.12 14.72
N GLU B 230 -8.45 -17.90 14.72
CA GLU B 230 -9.78 -17.33 14.62
C GLU B 230 -9.98 -16.31 15.75
N ALA B 231 -9.45 -16.62 16.92
CA ALA B 231 -9.56 -15.72 18.07
C ALA B 231 -8.85 -14.41 17.79
N PHE B 232 -7.63 -14.49 17.27
CA PHE B 232 -6.86 -13.30 16.95
C PHE B 232 -7.58 -12.47 15.89
N LEU B 233 -8.20 -13.15 14.93
CA LEU B 233 -8.91 -12.48 13.84
C LEU B 233 -10.21 -11.80 14.26
N ALA B 234 -10.84 -12.32 15.31
CA ALA B 234 -12.09 -11.73 15.78
C ALA B 234 -11.80 -10.63 16.78
N ALA B 235 -10.63 -10.71 17.41
CA ALA B 235 -10.23 -9.74 18.42
C ALA B 235 -9.79 -8.39 17.88
N GLY B 236 -9.96 -8.14 16.58
CA GLY B 236 -9.55 -6.86 16.03
C GLY B 236 -9.84 -6.66 14.55
N SER B 237 -9.30 -5.58 13.98
CA SER B 237 -9.51 -5.29 12.56
C SER B 237 -8.64 -6.22 11.71
N PRO B 238 -8.99 -6.41 10.43
CA PRO B 238 -8.25 -7.26 9.50
C PRO B 238 -6.74 -6.97 9.47
N PRO B 239 -5.93 -7.96 9.86
CA PRO B 239 -4.47 -7.79 9.89
C PRO B 239 -3.85 -7.95 8.51
N VAL B 240 -2.58 -7.62 8.39
CA VAL B 240 -1.88 -7.79 7.12
C VAL B 240 -1.03 -9.04 7.29
N HIS B 241 -1.08 -9.94 6.32
CA HIS B 241 -0.31 -11.19 6.40
C HIS B 241 1.04 -11.16 5.70
N ILE B 242 2.06 -11.64 6.40
CA ILE B 242 3.43 -11.73 5.89
C ILE B 242 3.78 -13.21 5.77
N GLY B 243 4.25 -13.62 4.59
CA GLY B 243 4.61 -15.01 4.40
C GLY B 243 5.48 -15.21 3.18
N PHE B 244 6.63 -15.86 3.35
CA PHE B 244 7.54 -16.09 2.23
C PHE B 244 7.68 -17.55 1.83
N GLY B 245 6.70 -18.36 2.20
CA GLY B 245 6.71 -19.76 1.86
C GLY B 245 8.02 -20.51 2.02
N SER B 246 8.40 -21.24 0.96
CA SER B 246 9.62 -22.04 0.97
C SER B 246 10.92 -21.26 0.85
N SER B 247 10.86 -19.94 0.89
CA SER B 247 12.08 -19.15 0.81
C SER B 247 12.90 -19.48 2.05
N SER B 248 14.11 -18.95 2.12
CA SER B 248 14.99 -19.17 3.25
C SER B 248 16.07 -18.11 3.26
N GLY B 249 16.96 -18.16 4.25
CA GLY B 249 18.03 -17.20 4.33
C GLY B 249 17.78 -16.05 5.28
N ARG B 250 18.81 -15.26 5.54
CA ARG B 250 18.71 -14.11 6.45
C ARG B 250 17.93 -12.96 5.82
N GLY B 251 17.80 -12.98 4.50
CA GLY B 251 17.09 -11.93 3.80
C GLY B 251 15.62 -11.83 4.17
N ILE B 252 14.92 -12.96 4.18
CA ILE B 252 13.51 -12.93 4.53
C ILE B 252 13.32 -12.57 6.01
N ALA B 253 14.25 -12.98 6.86
CA ALA B 253 14.17 -12.65 8.27
C ALA B 253 14.14 -11.12 8.39
N ASP B 254 15.08 -10.46 7.72
CA ASP B 254 15.15 -8.99 7.75
C ASP B 254 13.91 -8.37 7.11
N ALA B 255 13.50 -8.92 5.97
CA ALA B 255 12.34 -8.41 5.28
C ALA B 255 11.10 -8.48 6.19
N ALA B 256 10.96 -9.57 6.93
CA ALA B 256 9.82 -9.74 7.83
C ALA B 256 9.82 -8.68 8.92
N LYS B 257 10.99 -8.44 9.52
CA LYS B 257 11.10 -7.43 10.56
C LYS B 257 10.66 -6.07 10.02
N VAL B 258 11.06 -5.77 8.79
CA VAL B 258 10.71 -4.50 8.17
C VAL B 258 9.22 -4.43 7.87
N ALA B 259 8.67 -5.55 7.41
CA ALA B 259 7.25 -5.60 7.11
C ALA B 259 6.42 -5.32 8.38
N VAL B 260 6.80 -5.95 9.49
CA VAL B 260 6.09 -5.74 10.75
C VAL B 260 6.09 -4.24 11.07
N GLU B 261 7.26 -3.64 10.97
CA GLU B 261 7.45 -2.22 11.24
C GLU B 261 6.56 -1.36 10.33
N ALA B 262 6.47 -1.74 9.06
CA ALA B 262 5.68 -1.00 8.10
C ALA B 262 4.17 -1.17 8.33
N ILE B 263 3.76 -2.38 8.69
CA ILE B 263 2.35 -2.64 8.93
C ILE B 263 1.87 -1.87 10.16
N ARG B 264 2.71 -1.80 11.19
CA ARG B 264 2.37 -1.09 12.41
C ARG B 264 2.28 0.43 12.19
N ALA B 265 3.07 0.93 11.25
CA ALA B 265 3.06 2.37 10.95
C ALA B 265 1.72 2.71 10.31
N GLN B 266 1.10 1.70 9.72
CA GLN B 266 -0.20 1.86 9.07
C GLN B 266 -1.35 1.49 10.01
N GLY B 267 -1.04 1.36 11.30
CA GLY B 267 -2.07 1.04 12.28
C GLY B 267 -2.78 -0.29 12.10
N ARG B 268 -2.12 -1.25 11.45
CA ARG B 268 -2.73 -2.55 11.24
C ARG B 268 -2.07 -3.62 12.09
N ARG B 269 -2.78 -4.73 12.27
CA ARG B 269 -2.25 -5.84 13.05
C ARG B 269 -1.48 -6.75 12.10
N VAL B 270 -0.65 -7.62 12.65
CA VAL B 270 0.19 -8.50 11.85
C VAL B 270 0.02 -9.99 12.10
N ILE B 271 0.03 -10.77 11.02
CA ILE B 271 -0.02 -12.22 11.09
C ILE B 271 1.19 -12.70 10.29
N LEU B 272 2.15 -13.33 10.96
CA LEU B 272 3.35 -13.81 10.31
C LEU B 272 3.45 -15.32 10.24
N SER B 273 3.58 -15.85 9.02
CA SER B 273 3.74 -17.29 8.84
C SER B 273 5.21 -17.54 9.12
N ARG B 274 5.49 -18.45 10.06
CA ARG B 274 6.86 -18.75 10.45
C ARG B 274 7.77 -19.29 9.35
N GLY B 275 7.23 -20.14 8.49
CA GLY B 275 8.03 -20.71 7.43
C GLY B 275 8.92 -21.80 7.98
N TRP B 276 9.56 -22.56 7.10
CA TRP B 276 10.43 -23.65 7.55
C TRP B 276 11.69 -23.16 8.25
N THR B 277 12.04 -21.89 8.07
CA THR B 277 13.22 -21.37 8.75
C THR B 277 12.83 -20.70 10.07
N GLU B 278 11.57 -20.88 10.45
CA GLU B 278 11.07 -20.33 11.71
C GLU B 278 11.26 -18.83 11.92
N LEU B 279 10.67 -18.00 11.07
CA LEU B 279 10.79 -16.56 11.22
C LEU B 279 10.14 -16.20 12.57
N VAL B 280 10.58 -15.11 13.18
CA VAL B 280 10.01 -14.70 14.46
C VAL B 280 9.61 -13.23 14.48
N LEU B 281 8.67 -12.91 15.36
CA LEU B 281 8.17 -11.55 15.52
C LEU B 281 9.16 -10.73 16.33
N PRO B 282 9.20 -9.41 16.10
CA PRO B 282 10.10 -8.51 16.82
C PRO B 282 9.84 -8.48 18.32
N ASP B 283 8.61 -8.83 18.71
CA ASP B 283 8.21 -8.83 20.11
C ASP B 283 6.97 -9.67 20.33
N ASP B 284 6.49 -9.69 21.57
CA ASP B 284 5.31 -10.48 21.93
C ASP B 284 4.04 -9.66 22.18
N ARG B 285 3.96 -8.46 21.63
CA ARG B 285 2.77 -7.63 21.82
C ARG B 285 1.54 -8.26 21.17
N ASP B 286 0.37 -7.84 21.65
CA ASP B 286 -0.91 -8.37 21.18
C ASP B 286 -1.36 -8.02 19.76
N ASP B 287 -0.70 -7.08 19.11
CA ASP B 287 -1.14 -6.71 17.76
C ASP B 287 -0.56 -7.62 16.66
N CYS B 288 0.28 -8.58 17.06
CA CYS B 288 0.89 -9.51 16.11
C CYS B 288 0.68 -10.97 16.49
N PHE B 289 0.55 -11.83 15.49
CA PHE B 289 0.32 -13.25 15.69
C PHE B 289 1.17 -14.06 14.71
N ALA B 290 1.92 -15.03 15.24
CA ALA B 290 2.76 -15.88 14.39
C ALA B 290 2.08 -17.23 14.20
N ILE B 291 2.11 -17.76 12.98
CA ILE B 291 1.49 -19.05 12.70
C ILE B 291 2.38 -19.98 11.88
N ASP B 292 1.92 -21.23 11.76
CA ASP B 292 2.61 -22.24 10.98
C ASP B 292 1.69 -22.53 9.81
N GLU B 293 1.80 -23.71 9.22
CA GLU B 293 0.95 -24.10 8.09
C GLU B 293 -0.52 -23.86 8.43
N VAL B 294 -1.21 -23.13 7.55
CA VAL B 294 -2.62 -22.83 7.72
C VAL B 294 -3.27 -22.71 6.34
N ASN B 295 -4.57 -22.97 6.27
CA ASN B 295 -5.30 -22.89 5.00
C ASN B 295 -5.24 -21.46 4.46
N PHE B 296 -4.31 -21.19 3.54
CA PHE B 296 -4.16 -19.87 2.95
C PHE B 296 -5.38 -19.38 2.18
N GLN B 297 -6.06 -20.32 1.52
CA GLN B 297 -7.25 -19.97 0.74
C GLN B 297 -8.32 -19.40 1.65
N ALA B 298 -8.31 -19.83 2.91
CA ALA B 298 -9.28 -19.34 3.90
C ALA B 298 -8.73 -18.06 4.52
N LEU B 299 -7.47 -18.09 4.93
CA LEU B 299 -6.87 -16.91 5.57
C LEU B 299 -6.83 -15.66 4.70
N PHE B 300 -6.45 -15.80 3.43
CA PHE B 300 -6.33 -14.66 2.52
C PHE B 300 -7.63 -13.90 2.30
N ARG B 301 -8.74 -14.49 2.73
CA ARG B 301 -10.02 -13.82 2.60
C ARG B 301 -10.36 -13.11 3.90
N ARG B 302 -9.45 -13.18 4.86
CA ARG B 302 -9.65 -12.54 6.15
C ARG B 302 -8.66 -11.41 6.46
N VAL B 303 -7.74 -11.14 5.54
CA VAL B 303 -6.75 -10.09 5.79
C VAL B 303 -6.87 -8.86 4.88
N ALA B 304 -6.34 -7.75 5.35
CA ALA B 304 -6.38 -6.49 4.61
C ALA B 304 -5.48 -6.60 3.38
N ALA B 305 -4.35 -7.31 3.54
CA ALA B 305 -3.42 -7.50 2.43
C ALA B 305 -2.43 -8.63 2.75
N VAL B 306 -1.72 -9.07 1.73
CA VAL B 306 -0.72 -10.12 1.90
C VAL B 306 0.62 -9.67 1.33
N ILE B 307 1.68 -9.99 2.06
CA ILE B 307 3.03 -9.69 1.64
C ILE B 307 3.68 -11.06 1.43
N HIS B 308 4.08 -11.36 0.20
CA HIS B 308 4.71 -12.63 -0.06
C HIS B 308 5.93 -12.58 -1.00
N HIS B 309 6.48 -13.75 -1.28
CA HIS B 309 7.68 -13.91 -2.11
C HIS B 309 7.45 -13.97 -3.62
N GLY B 310 6.20 -14.14 -4.04
CA GLY B 310 5.91 -14.18 -5.46
C GLY B 310 5.84 -15.52 -6.15
N SER B 311 5.94 -16.63 -5.42
CA SER B 311 5.86 -17.94 -6.07
C SER B 311 4.49 -18.10 -6.70
N ALA B 312 4.40 -18.97 -7.70
CA ALA B 312 3.14 -19.19 -8.42
C ALA B 312 1.94 -19.57 -7.55
N GLY B 313 2.13 -20.54 -6.66
CA GLY B 313 1.05 -21.00 -5.81
C GLY B 313 0.44 -19.93 -4.93
N THR B 314 1.26 -19.34 -4.07
CA THR B 314 0.79 -18.31 -3.17
C THR B 314 0.20 -17.12 -3.92
N GLU B 315 0.73 -16.82 -5.09
CA GLU B 315 0.19 -15.69 -5.83
C GLU B 315 -1.14 -16.02 -6.47
N HIS B 316 -1.29 -17.24 -6.99
CA HIS B 316 -2.57 -17.62 -7.57
C HIS B 316 -3.63 -17.63 -6.47
N VAL B 317 -3.24 -18.06 -5.28
CA VAL B 317 -4.17 -18.11 -4.15
C VAL B 317 -4.60 -16.71 -3.71
N ALA B 318 -3.64 -15.80 -3.64
CA ALA B 318 -3.91 -14.41 -3.24
C ALA B 318 -4.79 -13.74 -4.30
N THR B 319 -4.49 -14.02 -5.56
CA THR B 319 -5.23 -13.47 -6.69
C THR B 319 -6.69 -13.94 -6.71
N ARG B 320 -6.91 -15.24 -6.56
CA ARG B 320 -8.26 -15.79 -6.55
C ARG B 320 -9.04 -15.32 -5.32
N ALA B 321 -8.33 -15.00 -4.25
CA ALA B 321 -8.94 -14.54 -3.00
C ALA B 321 -9.29 -13.04 -3.05
N GLY B 322 -8.92 -12.37 -4.14
CA GLY B 322 -9.22 -10.97 -4.28
C GLY B 322 -8.62 -10.07 -3.20
N VAL B 323 -7.46 -10.46 -2.68
CA VAL B 323 -6.79 -9.67 -1.66
C VAL B 323 -5.58 -8.92 -2.25
N PRO B 324 -5.39 -7.64 -1.87
CA PRO B 324 -4.27 -6.82 -2.36
C PRO B 324 -2.93 -7.49 -2.03
N GLN B 325 -1.98 -7.41 -2.96
CA GLN B 325 -0.67 -8.05 -2.75
C GLN B 325 0.55 -7.16 -2.83
N LEU B 326 1.51 -7.45 -1.95
CA LEU B 326 2.78 -6.73 -1.96
C LEU B 326 3.79 -7.85 -2.18
N VAL B 327 4.35 -7.89 -3.38
CA VAL B 327 5.31 -8.94 -3.71
C VAL B 327 6.76 -8.49 -3.56
N ILE B 328 7.53 -9.29 -2.83
CA ILE B 328 8.95 -9.04 -2.63
C ILE B 328 9.63 -10.26 -3.24
N PRO B 329 9.80 -10.24 -4.58
CA PRO B 329 10.42 -11.31 -5.38
C PRO B 329 11.87 -11.57 -4.98
N ARG B 330 12.29 -12.83 -5.06
CA ARG B 330 13.65 -13.19 -4.69
C ARG B 330 14.39 -14.01 -5.73
N ASN B 331 13.67 -14.88 -6.44
CA ASN B 331 14.34 -15.75 -7.39
C ASN B 331 13.36 -16.39 -8.36
N THR B 332 13.88 -17.32 -9.16
CA THR B 332 13.11 -18.04 -10.15
C THR B 332 12.09 -17.18 -10.92
N ASP B 333 10.83 -17.58 -10.85
CA ASP B 333 9.74 -16.90 -11.55
C ASP B 333 9.04 -15.82 -10.73
N GLN B 334 9.65 -15.43 -9.60
CA GLN B 334 9.03 -14.44 -8.74
C GLN B 334 9.08 -13.01 -9.27
N PRO B 335 10.19 -12.63 -9.92
CA PRO B 335 10.21 -11.26 -10.45
C PRO B 335 9.08 -11.17 -11.47
N TYR B 336 8.93 -12.23 -12.25
CA TYR B 336 7.88 -12.29 -13.25
C TYR B 336 6.52 -12.08 -12.57
N PHE B 337 6.17 -12.98 -11.66
CA PHE B 337 4.89 -12.86 -10.97
C PHE B 337 4.67 -11.52 -10.30
N ALA B 338 5.73 -10.92 -9.75
CA ALA B 338 5.59 -9.62 -9.12
C ALA B 338 5.18 -8.61 -10.19
N GLY B 339 5.65 -8.83 -11.42
CA GLY B 339 5.32 -7.95 -12.51
C GLY B 339 3.86 -8.12 -12.93
N ARG B 340 3.36 -9.34 -12.79
CA ARG B 340 1.98 -9.62 -13.15
C ARG B 340 1.01 -8.91 -12.20
N VAL B 341 1.39 -8.83 -10.92
CA VAL B 341 0.56 -8.17 -9.93
C VAL B 341 0.46 -6.68 -10.30
N ALA B 342 1.60 -6.06 -10.58
CA ALA B 342 1.63 -4.65 -10.96
C ALA B 342 0.87 -4.41 -12.26
N ALA B 343 1.05 -5.29 -13.23
CA ALA B 343 0.37 -5.13 -14.51
C ALA B 343 -1.15 -5.25 -14.36
N LEU B 344 -1.59 -6.06 -13.41
CA LEU B 344 -3.02 -6.26 -13.17
C LEU B 344 -3.59 -5.25 -12.19
N GLY B 345 -2.71 -4.48 -11.56
CA GLY B 345 -3.14 -3.48 -10.59
C GLY B 345 -3.72 -4.05 -9.30
N ILE B 346 -3.40 -5.30 -8.96
CA ILE B 346 -3.92 -5.88 -7.74
C ILE B 346 -2.94 -5.79 -6.59
N GLY B 347 -1.91 -4.97 -6.76
CA GLY B 347 -0.92 -4.81 -5.71
C GLY B 347 0.31 -4.10 -6.21
N VAL B 348 1.38 -4.18 -5.43
CA VAL B 348 2.65 -3.55 -5.77
C VAL B 348 3.74 -4.60 -5.92
N ALA B 349 4.64 -4.37 -6.88
CA ALA B 349 5.77 -5.27 -7.09
C ALA B 349 6.96 -4.56 -6.48
N HIS B 350 7.40 -5.00 -5.31
CA HIS B 350 8.53 -4.35 -4.68
C HIS B 350 9.71 -4.51 -5.62
N ASP B 351 10.62 -3.53 -5.61
CA ASP B 351 11.77 -3.58 -6.48
C ASP B 351 12.94 -4.23 -5.75
N GLY B 352 13.14 -5.52 -6.01
CA GLY B 352 14.23 -6.24 -5.36
C GLY B 352 13.74 -7.06 -4.18
N PRO B 353 14.62 -7.87 -3.58
CA PRO B 353 14.27 -8.71 -2.44
C PRO B 353 14.65 -8.12 -1.08
N THR B 354 15.27 -6.95 -1.08
CA THR B 354 15.71 -6.33 0.17
C THR B 354 15.02 -5.01 0.45
N PRO B 355 13.82 -5.06 1.05
CA PRO B 355 13.07 -3.84 1.37
C PRO B 355 13.65 -3.07 2.53
N THR B 356 13.34 -1.78 2.56
CA THR B 356 13.76 -0.88 3.62
C THR B 356 12.42 -0.41 4.17
N PHE B 357 12.41 0.27 5.32
CA PHE B 357 11.13 0.73 5.85
C PHE B 357 10.46 1.62 4.82
N GLU B 358 11.20 2.64 4.37
CA GLU B 358 10.68 3.59 3.40
C GLU B 358 10.10 2.90 2.17
N SER B 359 10.85 1.99 1.59
CA SER B 359 10.38 1.30 0.38
C SER B 359 9.18 0.39 0.60
N LEU B 360 9.12 -0.24 1.77
CA LEU B 360 8.01 -1.13 2.06
C LEU B 360 6.75 -0.35 2.41
N SER B 361 6.91 0.72 3.17
CA SER B 361 5.76 1.55 3.57
C SER B 361 5.12 2.14 2.33
N ALA B 362 5.93 2.82 1.53
CA ALA B 362 5.43 3.45 0.30
C ALA B 362 4.59 2.45 -0.49
N ALA B 363 5.09 1.23 -0.58
CA ALA B 363 4.38 0.19 -1.32
C ALA B 363 3.08 -0.20 -0.61
N LEU B 364 3.13 -0.31 0.71
CA LEU B 364 1.97 -0.71 1.51
C LEU B 364 0.84 0.30 1.39
N THR B 365 1.19 1.59 1.36
CA THR B 365 0.18 2.63 1.23
C THR B 365 -0.67 2.38 -0.01
N THR B 366 -0.01 2.05 -1.11
CA THR B 366 -0.72 1.77 -2.36
C THR B 366 -1.51 0.47 -2.26
N VAL B 367 -0.92 -0.53 -1.64
CA VAL B 367 -1.56 -1.83 -1.48
C VAL B 367 -2.83 -1.73 -0.64
N LEU B 368 -2.80 -0.88 0.38
CA LEU B 368 -3.93 -0.67 1.28
C LEU B 368 -4.84 0.47 0.83
N ALA B 369 -4.75 0.85 -0.44
CA ALA B 369 -5.59 1.92 -0.99
C ALA B 369 -6.88 1.27 -1.46
N PRO B 370 -8.02 1.98 -1.35
CA PRO B 370 -9.31 1.43 -1.77
C PRO B 370 -9.40 0.98 -3.23
N GLU B 371 -8.68 1.65 -4.12
CA GLU B 371 -8.71 1.29 -5.55
C GLU B 371 -8.07 -0.08 -5.75
N THR B 372 -6.94 -0.31 -5.08
CA THR B 372 -6.23 -1.57 -5.20
C THR B 372 -7.16 -2.71 -4.83
N ARG B 373 -7.79 -2.60 -3.67
CA ARG B 373 -8.73 -3.62 -3.20
C ARG B 373 -9.81 -3.90 -4.24
N ALA B 374 -10.40 -2.82 -4.77
CA ALA B 374 -11.46 -2.96 -5.76
C ALA B 374 -10.98 -3.70 -7.00
N ARG B 375 -9.76 -3.38 -7.44
CA ARG B 375 -9.23 -4.06 -8.62
C ARG B 375 -8.94 -5.52 -8.31
N ALA B 376 -8.40 -5.78 -7.12
CA ALA B 376 -8.10 -7.15 -6.70
C ALA B 376 -9.36 -8.01 -6.71
N GLU B 377 -10.45 -7.46 -6.21
CA GLU B 377 -11.72 -8.19 -6.18
C GLU B 377 -12.25 -8.44 -7.57
N ALA B 378 -12.01 -7.48 -8.47
CA ALA B 378 -12.47 -7.61 -9.86
C ALA B 378 -11.64 -8.66 -10.62
N VAL B 379 -10.33 -8.66 -10.38
CA VAL B 379 -9.44 -9.62 -11.03
C VAL B 379 -9.72 -11.03 -10.51
N ALA B 380 -10.06 -11.13 -9.24
CA ALA B 380 -10.34 -12.42 -8.61
C ALA B 380 -11.32 -13.27 -9.43
N GLY B 381 -12.27 -12.63 -10.09
CA GLY B 381 -13.25 -13.36 -10.87
C GLY B 381 -12.81 -13.75 -12.27
N MET B 382 -11.62 -13.31 -12.66
CA MET B 382 -11.11 -13.61 -13.99
C MET B 382 -10.15 -14.79 -13.99
N VAL B 383 -9.72 -15.21 -12.81
CA VAL B 383 -8.77 -16.30 -12.68
C VAL B 383 -9.29 -17.56 -12.00
N LEU B 384 -10.40 -18.11 -12.50
CA LEU B 384 -10.96 -19.31 -11.88
C LEU B 384 -10.90 -20.56 -12.76
N THR B 385 -10.15 -20.49 -13.86
CA THR B 385 -10.01 -21.63 -14.76
C THR B 385 -9.50 -22.84 -13.96
N ASP B 386 -10.20 -23.96 -14.07
CA ASP B 386 -9.83 -25.18 -13.34
C ASP B 386 -8.76 -25.99 -14.05
N GLY B 387 -7.50 -25.65 -13.78
CA GLY B 387 -6.39 -26.35 -14.41
C GLY B 387 -6.28 -27.82 -14.08
N ALA B 388 -6.49 -28.18 -12.82
CA ALA B 388 -6.40 -29.58 -12.40
C ALA B 388 -7.38 -30.45 -13.17
N ALA B 389 -8.58 -29.93 -13.41
CA ALA B 389 -9.59 -30.67 -14.16
C ALA B 389 -9.19 -30.84 -15.61
N ALA B 390 -8.68 -29.77 -16.21
CA ALA B 390 -8.27 -29.81 -17.61
C ALA B 390 -7.06 -30.74 -17.78
N ALA B 391 -6.15 -30.71 -16.82
CA ALA B 391 -4.97 -31.55 -16.89
C ALA B 391 -5.34 -33.02 -16.70
N ALA B 392 -6.26 -33.27 -15.76
CA ALA B 392 -6.72 -34.62 -15.46
C ALA B 392 -7.37 -35.29 -16.67
N ASP B 393 -8.30 -34.59 -17.30
CA ASP B 393 -8.99 -35.14 -18.47
C ASP B 393 -8.00 -35.29 -19.62
N LEU B 394 -6.95 -34.48 -19.59
CA LEU B 394 -5.92 -34.49 -20.61
C LEU B 394 -5.11 -35.78 -20.51
N VAL B 395 -4.89 -36.22 -19.28
CA VAL B 395 -4.12 -37.44 -19.03
C VAL B 395 -4.94 -38.67 -19.39
N LEU B 396 -6.15 -38.75 -18.85
CA LEU B 396 -7.04 -39.87 -19.11
C LEU B 396 -7.25 -40.05 -20.62
N ALA B 397 -7.17 -38.94 -21.35
CA ALA B 397 -7.32 -38.99 -22.80
C ALA B 397 -6.14 -39.73 -23.40
N ALA B 398 -4.94 -39.39 -22.93
CA ALA B 398 -3.73 -40.05 -23.42
C ALA B 398 -3.75 -41.53 -23.08
N VAL B 399 -4.24 -41.85 -21.89
CA VAL B 399 -4.33 -43.24 -21.44
C VAL B 399 -5.38 -44.01 -22.23
N GLY B 400 -6.58 -43.46 -22.30
CA GLY B 400 -7.66 -44.12 -23.02
C GLY B 400 -7.30 -44.36 -24.47
N ASN C 3 -20.55 26.18 5.77
CA ASN C 3 -20.76 26.02 7.23
C ASN C 3 -20.08 24.75 7.81
N ASN D 3 19.09 -29.71 -3.86
CA ASN D 3 19.02 -29.25 -2.45
C ASN D 3 18.66 -27.73 -2.29
#